data_3SMA
#
_entry.id   3SMA
#
_cell.length_a   128.832
_cell.length_b   35.692
_cell.length_c   136.087
_cell.angle_alpha   90.00
_cell.angle_beta   117.60
_cell.angle_gamma   90.00
#
_symmetry.space_group_name_H-M   'P 1 2 1'
#
loop_
_entity.id
_entity.type
_entity.pdbx_description
1 polymer FrbF
2 non-polymer 'ACETYL COENZYME *A'
3 water water
#
_entity_poly.entity_id   1
_entity_poly.type   'polypeptide(L)'
_entity_poly.pdbx_seq_one_letter_code
;MIRHIDARREDLEPDRQDRELVTRDRLASDLAALGVRPGGVLLVHASLSALGWVCGGAQAVVLALQDAVGKEGTLVMPTF
SGDLSDPSTWRRPPVPEDWWPVIREQMPPFDPDLTPTRGMGAVAECFRRAAGAVRSGHPQNSFAAWGAHAEQVVAEHGLT
ERLGRGSPLEQVYRLDGQVLLLGCGFESNTSFHLAEYRTAYPGRRSHRRRVPVPEGDRVRWVEQEDIVYFEEDFQTMGES
CLTRTPGHSRGTVGEAAAVLYGQRAFVDLACEWMTAHRDLARAVGA
;
_entity_poly.pdbx_strand_id   A,B,C,D
#
loop_
_chem_comp.id
_chem_comp.type
_chem_comp.name
_chem_comp.formula
ACO non-polymer 'ACETYL COENZYME *A' 'C23 H38 N7 O17 P3 S'
#
# COMPACT_ATOMS: atom_id res chain seq x y z
N ARG A 19 -16.59 16.37 16.41
CA ARG A 19 -15.31 15.74 16.07
C ARG A 19 -14.39 15.54 17.28
N GLU A 20 -13.65 14.44 17.27
CA GLU A 20 -12.69 14.07 18.30
C GLU A 20 -11.33 14.70 17.92
N LEU A 21 -10.63 15.29 18.90
CA LEU A 21 -9.33 15.89 18.68
C LEU A 21 -8.36 14.74 18.51
N VAL A 22 -7.69 14.68 17.35
CA VAL A 22 -6.79 13.59 17.00
C VAL A 22 -5.42 14.18 16.69
N THR A 23 -4.37 13.57 17.27
CA THR A 23 -2.99 14.04 17.16
C THR A 23 -2.07 13.07 16.41
N ARG A 24 -0.89 13.56 15.98
CA ARG A 24 0.11 12.75 15.32
C ARG A 24 0.33 11.46 16.08
N ASP A 25 0.64 11.57 17.39
CA ASP A 25 0.89 10.43 18.27
C ASP A 25 -0.23 9.47 18.38
N ARG A 26 -1.49 9.97 18.48
CA ARG A 26 -2.64 9.10 18.54
C ARG A 26 -2.79 8.31 17.24
N LEU A 27 -2.67 8.99 16.06
CA LEU A 27 -2.76 8.30 14.77
C LEU A 27 -1.71 7.21 14.67
N ALA A 28 -0.45 7.52 15.00
CA ALA A 28 0.62 6.54 14.92
C ALA A 28 0.33 5.33 15.82
N SER A 29 -0.13 5.55 17.06
CA SER A 29 -0.42 4.44 17.98
C SER A 29 -1.55 3.57 17.42
N ASP A 30 -2.62 4.22 16.89
CA ASP A 30 -3.79 3.53 16.32
C ASP A 30 -3.37 2.72 15.10
N LEU A 31 -2.37 3.22 14.32
CA LEU A 31 -1.91 2.49 13.13
C LEU A 31 -1.16 1.22 13.60
N ALA A 32 -0.38 1.33 14.68
CA ALA A 32 0.32 0.18 15.27
C ALA A 32 -0.73 -0.81 15.78
N ALA A 33 -1.80 -0.33 16.45
CA ALA A 33 -2.87 -1.22 16.94
C ALA A 33 -3.58 -1.97 15.78
N LEU A 34 -3.68 -1.36 14.61
CA LEU A 34 -4.32 -1.97 13.45
C LEU A 34 -3.41 -3.09 12.91
N GLY A 35 -2.11 -2.90 13.06
CA GLY A 35 -1.13 -3.91 12.66
C GLY A 35 -0.11 -3.45 11.65
N VAL A 36 0.05 -2.12 11.49
CA VAL A 36 1.03 -1.59 10.53
C VAL A 36 2.43 -2.00 11.00
N ARG A 37 3.08 -2.80 10.15
CA ARG A 37 4.40 -3.39 10.35
C ARG A 37 5.58 -2.41 10.26
N PRO A 38 6.31 -2.12 11.38
CA PRO A 38 7.52 -1.29 11.27
C PRO A 38 8.48 -2.00 10.31
N GLY A 39 9.04 -1.27 9.34
CA GLY A 39 9.93 -1.83 8.35
C GLY A 39 9.23 -2.35 7.11
N GLY A 40 7.90 -2.27 7.10
CA GLY A 40 7.15 -2.75 5.95
C GLY A 40 6.87 -1.67 4.92
N VAL A 41 6.46 -2.12 3.72
CA VAL A 41 6.06 -1.26 2.61
C VAL A 41 4.54 -1.11 2.83
N LEU A 42 4.05 0.13 2.86
CA LEU A 42 2.63 0.43 3.07
C LEU A 42 2.09 1.34 1.97
N LEU A 43 1.08 0.87 1.22
CA LEU A 43 0.35 1.60 0.20
C LEU A 43 -0.88 2.17 0.91
N VAL A 44 -1.00 3.51 0.94
CA VAL A 44 -2.06 4.21 1.71
C VAL A 44 -3.11 4.89 0.84
N HIS A 45 -4.40 4.65 1.15
CA HIS A 45 -5.56 5.30 0.52
C HIS A 45 -6.23 6.00 1.70
N ALA A 46 -6.04 7.30 1.80
CA ALA A 46 -6.46 8.08 2.96
C ALA A 46 -7.48 9.15 2.67
N SER A 47 -8.31 9.39 3.70
CA SER A 47 -9.28 10.48 3.80
C SER A 47 -8.92 11.31 5.04
N LEU A 48 -8.75 12.61 4.89
CA LEU A 48 -8.40 13.48 6.01
C LEU A 48 -9.61 13.76 6.92
N SER A 49 -10.75 14.15 6.33
CA SER A 49 -11.97 14.46 7.10
C SER A 49 -12.58 13.30 7.90
N ALA A 50 -12.26 12.04 7.54
CA ALA A 50 -12.78 10.86 8.23
C ALA A 50 -12.12 10.65 9.58
N LEU A 51 -10.86 11.11 9.73
CA LEU A 51 -10.04 10.92 10.92
C LEU A 51 -10.53 11.56 12.22
N GLY A 52 -11.29 12.64 12.09
CA GLY A 52 -11.74 13.45 13.22
C GLY A 52 -11.21 14.86 13.00
N TRP A 53 -10.75 15.56 14.06
CA TRP A 53 -10.13 16.87 13.89
C TRP A 53 -8.62 16.63 14.10
N VAL A 54 -7.86 16.69 13.02
CA VAL A 54 -6.42 16.41 13.09
C VAL A 54 -5.60 17.63 13.48
N CYS A 55 -4.93 17.54 14.63
CA CYS A 55 -4.07 18.61 15.08
C CYS A 55 -2.81 18.59 14.22
N GLY A 56 -2.74 19.54 13.28
CA GLY A 56 -1.64 19.66 12.32
C GLY A 56 -2.04 19.15 10.94
N GLY A 57 -3.32 18.79 10.80
CA GLY A 57 -3.96 18.35 9.56
C GLY A 57 -3.23 17.27 8.81
N ALA A 58 -3.13 17.46 7.48
CA ALA A 58 -2.50 16.49 6.57
C ALA A 58 -1.04 16.29 6.88
N GLN A 59 -0.37 17.35 7.41
CA GLN A 59 1.04 17.22 7.76
C GLN A 59 1.14 16.21 8.91
N ALA A 60 0.24 16.30 9.92
CA ALA A 60 0.22 15.38 11.09
C ALA A 60 -0.05 13.94 10.62
N VAL A 61 -0.92 13.76 9.62
CA VAL A 61 -1.22 12.42 9.06
C VAL A 61 0.00 11.79 8.41
N VAL A 62 0.69 12.56 7.54
CA VAL A 62 1.91 12.12 6.89
C VAL A 62 2.94 11.76 7.96
N LEU A 63 3.20 12.62 8.95
CA LEU A 63 4.19 12.29 9.97
C LEU A 63 3.92 10.99 10.76
N ALA A 64 2.66 10.75 11.13
CA ALA A 64 2.20 9.58 11.85
C ALA A 64 2.40 8.31 10.99
N LEU A 65 2.17 8.41 9.66
CA LEU A 65 2.35 7.27 8.72
C LEU A 65 3.85 6.93 8.60
N GLN A 66 4.72 7.96 8.57
CA GLN A 66 6.19 7.82 8.59
C GLN A 66 6.64 7.21 9.98
N ASP A 67 6.03 7.66 11.09
CA ASP A 67 6.30 7.05 12.42
C ASP A 67 5.98 5.53 12.42
N ALA A 68 4.77 5.18 11.91
CA ALA A 68 4.26 3.81 11.82
C ALA A 68 5.17 2.86 11.04
N VAL A 69 5.63 3.26 9.83
CA VAL A 69 6.49 2.40 9.02
C VAL A 69 7.95 2.44 9.50
N GLY A 70 8.35 3.54 10.12
CA GLY A 70 9.71 3.73 10.64
C GLY A 70 10.68 4.05 9.54
N LYS A 71 11.97 4.19 9.91
CA LYS A 71 13.05 4.54 8.97
C LYS A 71 13.24 3.53 7.84
N GLU A 72 13.10 2.23 8.20
CA GLU A 72 13.29 1.07 7.31
C GLU A 72 12.03 0.71 6.53
N GLY A 73 10.94 1.36 6.85
CA GLY A 73 9.70 1.14 6.13
C GLY A 73 9.64 2.01 4.88
N THR A 74 8.52 1.91 4.14
CA THR A 74 8.25 2.65 2.90
C THR A 74 6.78 2.98 2.86
N LEU A 75 6.44 4.21 2.50
CA LEU A 75 5.06 4.67 2.31
C LEU A 75 4.91 4.96 0.84
N VAL A 76 3.76 4.52 0.30
CA VAL A 76 3.45 4.72 -1.11
C VAL A 76 2.05 5.25 -1.14
N MET A 77 1.76 6.20 -2.00
CA MET A 77 0.40 6.74 -2.15
C MET A 77 0.10 7.06 -3.62
N PRO A 78 -1.13 6.79 -4.12
CA PRO A 78 -1.43 7.21 -5.50
C PRO A 78 -1.38 8.74 -5.60
N THR A 79 -0.77 9.28 -6.68
CA THR A 79 -0.72 10.73 -6.89
C THR A 79 -1.20 11.01 -8.32
N PHE A 80 -2.40 10.49 -8.65
CA PHE A 80 -2.96 10.59 -9.99
C PHE A 80 -3.27 12.02 -10.41
N SER A 81 -3.09 12.30 -11.71
CA SER A 81 -3.33 13.62 -12.28
C SER A 81 -4.14 13.37 -13.53
N GLY A 82 -5.39 12.94 -13.31
CA GLY A 82 -6.35 12.55 -14.34
C GLY A 82 -6.63 13.59 -15.42
N ASP A 83 -6.38 14.88 -15.13
CA ASP A 83 -6.60 16.04 -16.02
C ASP A 83 -5.69 16.02 -17.22
N LEU A 84 -4.59 15.29 -17.11
CA LEU A 84 -3.60 15.17 -18.15
C LEU A 84 -4.08 14.07 -19.07
N SER A 85 -5.20 14.34 -19.75
CA SER A 85 -5.91 13.40 -20.59
C SER A 85 -6.65 14.19 -21.66
N ASP A 86 -7.05 13.51 -22.75
CA ASP A 86 -7.73 14.16 -23.87
C ASP A 86 -8.97 14.92 -23.38
N PRO A 87 -9.13 16.20 -23.77
CA PRO A 87 -10.30 16.97 -23.30
C PRO A 87 -11.68 16.45 -23.71
N SER A 88 -11.77 15.58 -24.76
CA SER A 88 -13.03 14.95 -25.20
C SER A 88 -13.57 14.02 -24.14
N THR A 89 -12.66 13.47 -23.29
CA THR A 89 -13.02 12.55 -22.20
C THR A 89 -13.50 13.25 -20.94
N TRP A 90 -13.22 14.56 -20.80
CA TRP A 90 -13.55 15.35 -19.59
C TRP A 90 -15.03 15.46 -19.32
N ARG A 91 -15.42 15.21 -18.06
CA ARG A 91 -16.82 15.17 -17.67
C ARG A 91 -17.30 15.82 -16.39
N ARG A 92 -16.42 16.07 -15.38
CA ARG A 92 -16.85 16.73 -14.13
C ARG A 92 -17.16 18.15 -14.61
N PRO A 93 -16.18 19.03 -14.87
CA PRO A 93 -16.53 20.25 -15.60
C PRO A 93 -16.20 19.91 -17.08
N PRO A 94 -17.13 19.49 -17.96
CA PRO A 94 -16.74 19.29 -19.37
C PRO A 94 -16.41 20.65 -19.97
N VAL A 95 -15.59 20.69 -21.04
CA VAL A 95 -15.18 21.97 -21.66
C VAL A 95 -15.73 22.11 -23.08
N PRO A 96 -15.93 23.34 -23.62
CA PRO A 96 -16.46 23.45 -25.01
C PRO A 96 -15.63 22.70 -26.03
N GLU A 97 -16.31 22.03 -26.98
CA GLU A 97 -15.68 21.25 -28.05
C GLU A 97 -14.66 22.08 -28.86
N ASP A 98 -14.97 23.37 -29.11
CA ASP A 98 -14.10 24.29 -29.85
C ASP A 98 -12.73 24.54 -29.15
N TRP A 99 -12.65 24.26 -27.84
CA TRP A 99 -11.43 24.39 -27.04
C TRP A 99 -10.48 23.19 -27.13
N TRP A 100 -11.02 22.01 -27.51
CA TRP A 100 -10.29 20.74 -27.53
C TRP A 100 -8.95 20.78 -28.25
N PRO A 101 -8.86 21.35 -29.49
CA PRO A 101 -7.56 21.39 -30.19
C PRO A 101 -6.54 22.32 -29.54
N VAL A 102 -6.99 23.46 -28.95
CA VAL A 102 -6.09 24.39 -28.25
C VAL A 102 -5.56 23.68 -27.00
N ILE A 103 -6.45 23.03 -26.24
CA ILE A 103 -6.05 22.29 -25.01
C ILE A 103 -5.00 21.22 -25.33
N ARG A 104 -5.22 20.46 -26.42
CA ARG A 104 -4.33 19.38 -26.88
C ARG A 104 -2.95 19.90 -27.23
N GLU A 105 -2.88 21.05 -27.90
CA GLU A 105 -1.59 21.64 -28.28
C GLU A 105 -0.91 22.38 -27.12
N GLN A 106 -1.69 23.04 -26.23
CA GLN A 106 -1.14 23.90 -25.18
C GLN A 106 -1.01 23.33 -23.75
N MET A 107 -1.55 22.13 -23.50
CA MET A 107 -1.48 21.46 -22.19
C MET A 107 -0.02 21.34 -21.78
N PRO A 108 0.34 21.81 -20.58
CA PRO A 108 1.71 21.61 -20.10
C PRO A 108 2.01 20.14 -19.82
N PRO A 109 3.28 19.71 -20.05
CA PRO A 109 3.65 18.30 -19.76
C PRO A 109 3.70 17.96 -18.26
N PHE A 110 3.42 16.70 -17.92
CA PHE A 110 3.53 16.26 -16.52
C PHE A 110 4.90 16.61 -15.97
N ASP A 111 4.91 17.21 -14.81
CA ASP A 111 6.12 17.54 -14.08
C ASP A 111 5.90 16.93 -12.71
N PRO A 112 6.77 15.99 -12.26
CA PRO A 112 6.50 15.32 -10.97
C PRO A 112 6.53 16.26 -9.77
N ASP A 113 7.24 17.36 -9.90
CA ASP A 113 7.26 18.37 -8.83
C ASP A 113 6.07 19.32 -8.91
N LEU A 114 5.72 19.77 -10.11
CA LEU A 114 4.71 20.81 -10.35
C LEU A 114 3.30 20.35 -10.52
N THR A 115 3.10 19.19 -11.14
CA THR A 115 1.74 18.70 -11.39
C THR A 115 0.96 18.34 -10.14
N PRO A 116 -0.17 19.01 -9.83
CA PRO A 116 -0.96 18.62 -8.64
C PRO A 116 -1.77 17.37 -8.92
N THR A 117 -2.21 16.74 -7.86
CA THR A 117 -3.03 15.55 -7.91
C THR A 117 -4.46 16.03 -8.01
N ARG A 118 -5.34 15.17 -8.51
CA ARG A 118 -6.79 15.38 -8.59
C ARG A 118 -7.44 14.14 -8.01
N GLY A 119 -8.34 14.35 -7.05
CA GLY A 119 -9.11 13.32 -6.37
C GLY A 119 -8.33 12.38 -5.49
N MET A 120 -7.09 12.71 -5.18
CA MET A 120 -6.23 11.85 -4.34
C MET A 120 -6.32 12.11 -2.84
N GLY A 121 -6.76 13.32 -2.48
CA GLY A 121 -6.90 13.73 -1.09
C GLY A 121 -5.77 14.60 -0.60
N ALA A 122 -6.04 15.40 0.46
CA ALA A 122 -5.09 16.33 1.08
C ALA A 122 -3.84 15.61 1.63
N VAL A 123 -3.99 14.35 2.12
CA VAL A 123 -2.84 13.62 2.63
C VAL A 123 -1.83 13.30 1.53
N ALA A 124 -2.25 12.69 0.40
CA ALA A 124 -1.32 12.37 -0.70
C ALA A 124 -0.72 13.63 -1.34
N GLU A 125 -1.53 14.70 -1.44
CA GLU A 125 -1.10 15.97 -1.99
C GLU A 125 -0.06 16.60 -1.05
N CYS A 126 -0.20 16.40 0.26
CA CYS A 126 0.78 16.89 1.22
C CYS A 126 2.00 15.97 1.19
N PHE A 127 1.78 14.66 1.01
CA PHE A 127 2.83 13.64 1.04
C PHE A 127 3.81 13.74 -0.09
N ARG A 128 3.31 14.00 -1.31
CA ARG A 128 4.11 13.99 -2.52
C ARG A 128 5.36 14.89 -2.51
N ARG A 129 5.33 15.95 -1.72
CA ARG A 129 6.37 16.96 -1.57
C ARG A 129 7.28 16.77 -0.37
N ALA A 130 6.99 15.79 0.50
CA ALA A 130 7.77 15.51 1.68
C ALA A 130 9.28 15.39 1.34
N ALA A 131 10.14 15.81 2.28
CA ALA A 131 11.60 15.64 2.13
C ALA A 131 11.82 14.13 1.97
N GLY A 132 12.48 13.72 0.90
CA GLY A 132 12.74 12.29 0.67
C GLY A 132 11.73 11.56 -0.18
N ALA A 133 10.60 12.22 -0.48
CA ALA A 133 9.55 11.65 -1.30
C ALA A 133 9.95 11.77 -2.76
N VAL A 134 9.64 10.75 -3.56
CA VAL A 134 9.94 10.66 -4.98
C VAL A 134 8.66 10.25 -5.66
N ARG A 135 8.44 10.75 -6.84
CA ARG A 135 7.21 10.47 -7.58
C ARG A 135 7.57 9.79 -8.91
N SER A 136 6.75 8.81 -9.32
CA SER A 136 6.92 8.04 -10.57
C SER A 136 6.56 8.88 -11.81
N GLY A 137 6.98 8.43 -12.99
CA GLY A 137 6.85 9.19 -14.24
C GLY A 137 5.57 9.15 -15.05
N HIS A 138 4.58 8.31 -14.67
CA HIS A 138 3.33 8.25 -15.49
C HIS A 138 2.57 9.55 -15.39
N PRO A 139 2.21 10.17 -16.56
CA PRO A 139 1.56 11.49 -16.53
C PRO A 139 0.13 11.51 -16.00
N GLN A 140 -0.50 10.35 -15.88
CA GLN A 140 -1.89 10.27 -15.36
C GLN A 140 -1.99 9.49 -14.09
N ASN A 141 -1.17 8.44 -13.91
CA ASN A 141 -1.30 7.56 -12.76
C ASN A 141 -0.01 7.36 -12.00
N SER A 142 0.71 8.45 -11.71
CA SER A 142 1.94 8.40 -10.93
C SER A 142 1.65 8.06 -9.47
N PHE A 143 2.70 7.61 -8.75
CA PHE A 143 2.66 7.32 -7.32
C PHE A 143 3.83 8.02 -6.68
N ALA A 144 3.67 8.44 -5.41
CA ALA A 144 4.80 9.00 -4.68
C ALA A 144 5.19 7.97 -3.62
N ALA A 145 6.47 7.80 -3.38
CA ALA A 145 6.94 6.88 -2.36
C ALA A 145 8.01 7.57 -1.47
N TRP A 146 8.14 7.11 -0.22
CA TRP A 146 9.10 7.65 0.73
C TRP A 146 9.63 6.47 1.54
N GLY A 147 10.93 6.48 1.83
CA GLY A 147 11.51 5.43 2.66
C GLY A 147 12.49 4.53 1.97
N ALA A 148 12.84 3.42 2.65
CA ALA A 148 13.86 2.46 2.24
C ALA A 148 13.82 2.00 0.76
N HIS A 149 12.66 1.56 0.27
CA HIS A 149 12.50 1.10 -1.10
C HIS A 149 11.80 2.10 -2.05
N ALA A 150 11.76 3.42 -1.68
CA ALA A 150 11.07 4.48 -2.43
C ALA A 150 11.47 4.58 -3.91
N GLU A 151 12.78 4.58 -4.19
CA GLU A 151 13.28 4.68 -5.55
C GLU A 151 12.88 3.48 -6.39
N GLN A 152 12.96 2.26 -5.82
CA GLN A 152 12.51 1.03 -6.50
C GLN A 152 11.01 1.10 -6.82
N VAL A 153 10.20 1.61 -5.88
CA VAL A 153 8.74 1.65 -6.07
C VAL A 153 8.37 2.52 -7.30
N VAL A 154 9.01 3.69 -7.43
CA VAL A 154 8.77 4.67 -8.50
C VAL A 154 9.61 4.54 -9.77
N ALA A 155 10.65 3.71 -9.78
CA ALA A 155 11.48 3.61 -10.98
C ALA A 155 10.79 2.95 -12.16
N GLU A 156 11.03 3.45 -13.38
CA GLU A 156 10.48 2.90 -14.64
C GLU A 156 8.96 2.57 -14.65
N HIS A 157 8.11 3.58 -14.42
CA HIS A 157 6.67 3.42 -14.45
C HIS A 157 6.29 3.55 -15.93
N GLY A 158 5.99 2.41 -16.58
CA GLY A 158 5.71 2.38 -18.01
C GLY A 158 4.31 2.71 -18.45
N LEU A 159 4.19 3.07 -19.75
CA LEU A 159 2.91 3.33 -20.41
C LEU A 159 2.08 2.05 -20.65
N THR A 160 2.74 0.87 -20.84
CA THR A 160 2.07 -0.38 -21.20
C THR A 160 0.94 -0.78 -20.27
N GLU A 161 1.26 -0.91 -18.97
CA GLU A 161 0.28 -1.27 -17.98
C GLU A 161 0.49 -0.21 -16.92
N ARG A 162 -0.27 0.89 -17.03
CA ARG A 162 -0.13 2.03 -16.12
C ARG A 162 -0.37 1.67 -14.69
N LEU A 163 -1.22 0.70 -14.46
CA LEU A 163 -1.57 0.23 -13.13
C LEU A 163 -1.38 -1.31 -13.03
N GLY A 164 -0.39 -1.82 -13.76
CA GLY A 164 -0.12 -3.25 -13.77
C GLY A 164 1.35 -3.54 -13.77
N ARG A 165 1.79 -4.42 -14.66
CA ARG A 165 3.22 -4.79 -14.77
C ARG A 165 4.08 -3.55 -15.06
N GLY A 166 5.19 -3.42 -14.33
CA GLY A 166 6.12 -2.31 -14.47
C GLY A 166 5.60 -1.00 -13.90
N SER A 167 4.62 -1.07 -12.96
CA SER A 167 4.00 0.07 -12.27
C SER A 167 4.26 -0.03 -10.76
N PRO A 168 4.09 1.05 -9.95
CA PRO A 168 4.30 0.92 -8.51
C PRO A 168 3.39 -0.08 -7.81
N LEU A 169 2.21 -0.40 -8.38
CA LEU A 169 1.37 -1.45 -7.80
C LEU A 169 2.12 -2.79 -7.83
N GLU A 170 2.87 -3.06 -8.91
CA GLU A 170 3.62 -4.32 -9.03
C GLU A 170 4.76 -4.37 -8.03
N GLN A 171 5.38 -3.20 -7.75
CA GLN A 171 6.46 -3.02 -6.80
C GLN A 171 6.01 -3.29 -5.37
N VAL A 172 4.82 -2.77 -4.96
CA VAL A 172 4.23 -3.06 -3.63
C VAL A 172 4.06 -4.61 -3.54
N TYR A 173 3.54 -5.26 -4.63
CA TYR A 173 3.38 -6.71 -4.66
C TYR A 173 4.73 -7.45 -4.45
N ARG A 174 5.75 -7.12 -5.22
CA ARG A 174 7.07 -7.77 -5.10
C ARG A 174 7.71 -7.52 -3.75
N LEU A 175 7.41 -6.35 -3.13
CA LEU A 175 7.96 -6.03 -1.81
C LEU A 175 7.11 -6.56 -0.65
N ASP A 176 6.09 -7.40 -0.95
CA ASP A 176 5.21 -8.07 0.04
C ASP A 176 4.59 -7.02 1.00
N GLY A 177 4.10 -5.93 0.43
CA GLY A 177 3.58 -4.82 1.22
C GLY A 177 2.19 -5.03 1.76
N GLN A 178 1.74 -4.07 2.55
CA GLN A 178 0.38 -4.03 3.07
C GLN A 178 -0.33 -2.88 2.37
N VAL A 179 -1.66 -2.90 2.44
CA VAL A 179 -2.52 -1.85 1.91
C VAL A 179 -3.35 -1.31 3.08
N LEU A 180 -3.38 0.00 3.24
CA LEU A 180 -4.18 0.63 4.28
C LEU A 180 -5.29 1.43 3.60
N LEU A 181 -6.55 1.10 3.91
CA LEU A 181 -7.71 1.87 3.44
C LEU A 181 -8.08 2.67 4.68
N LEU A 182 -7.70 3.96 4.71
CA LEU A 182 -7.87 4.85 5.87
C LEU A 182 -9.05 5.85 5.72
N GLY A 183 -10.23 5.47 6.23
CA GLY A 183 -11.42 6.34 6.12
C GLY A 183 -12.05 6.37 4.73
N CYS A 184 -11.72 5.39 3.89
CA CYS A 184 -12.29 5.17 2.58
C CYS A 184 -12.37 3.65 2.41
N GLY A 185 -13.12 3.18 1.43
CA GLY A 185 -13.33 1.74 1.26
C GLY A 185 -12.79 1.22 -0.05
N PHE A 186 -13.30 0.04 -0.47
CA PHE A 186 -12.87 -0.62 -1.70
C PHE A 186 -13.00 0.16 -3.01
N GLU A 187 -13.83 1.22 -3.02
CA GLU A 187 -13.98 2.09 -4.19
C GLU A 187 -12.65 2.80 -4.50
N SER A 188 -11.71 2.85 -3.53
CA SER A 188 -10.41 3.52 -3.70
C SER A 188 -9.26 2.53 -3.72
N ASN A 189 -9.58 1.24 -3.81
CA ASN A 189 -8.60 0.17 -3.78
C ASN A 189 -7.96 -0.03 -5.14
N THR A 190 -6.89 0.76 -5.40
CA THR A 190 -6.12 0.75 -6.65
C THR A 190 -5.59 -0.65 -7.01
N SER A 191 -5.14 -1.43 -6.01
CA SER A 191 -4.57 -2.79 -6.18
C SER A 191 -5.42 -3.75 -7.00
N PHE A 192 -6.74 -3.51 -7.11
CA PHE A 192 -7.62 -4.35 -7.93
C PHE A 192 -7.22 -4.20 -9.38
N HIS A 193 -6.65 -3.05 -9.75
CA HIS A 193 -6.23 -2.87 -11.13
C HIS A 193 -5.09 -3.79 -11.49
N LEU A 194 -4.19 -4.12 -10.53
CA LEU A 194 -3.09 -5.06 -10.75
C LEU A 194 -3.66 -6.46 -11.10
N ALA A 195 -4.72 -6.89 -10.36
CA ALA A 195 -5.44 -8.15 -10.58
C ALA A 195 -6.11 -8.14 -11.96
N GLU A 196 -6.71 -7.00 -12.38
CA GLU A 196 -7.35 -6.85 -13.69
C GLU A 196 -6.38 -7.09 -14.88
N TYR A 197 -5.14 -6.58 -14.79
CA TYR A 197 -4.12 -6.73 -15.85
C TYR A 197 -3.62 -8.18 -15.95
N ARG A 198 -3.48 -8.87 -14.80
CA ARG A 198 -2.99 -10.24 -14.68
C ARG A 198 -4.03 -11.32 -15.01
N THR A 199 -5.33 -10.99 -15.03
CA THR A 199 -6.40 -11.99 -15.19
C THR A 199 -7.22 -11.82 -16.47
N ALA A 200 -7.20 -12.87 -17.32
CA ALA A 200 -7.99 -12.95 -18.54
C ALA A 200 -9.35 -13.48 -18.14
N TYR A 201 -10.10 -12.70 -17.33
CA TYR A 201 -11.42 -13.09 -16.87
C TYR A 201 -12.42 -13.02 -18.04
N PRO A 202 -13.59 -13.73 -17.94
CA PRO A 202 -14.56 -13.71 -19.05
C PRO A 202 -15.12 -12.34 -19.36
N GLY A 203 -14.96 -11.95 -20.61
CA GLY A 203 -15.47 -10.69 -21.13
C GLY A 203 -14.54 -9.51 -20.95
N ARG A 204 -13.26 -9.76 -20.57
CA ARG A 204 -12.30 -8.65 -20.41
C ARG A 204 -12.12 -7.91 -21.73
N ARG A 205 -12.22 -6.59 -21.67
CA ARG A 205 -12.14 -5.71 -22.81
C ARG A 205 -10.90 -4.85 -22.83
N SER A 206 -10.59 -4.36 -24.01
CA SER A 206 -9.51 -3.43 -24.28
C SER A 206 -10.04 -2.30 -25.13
N HIS A 207 -9.28 -1.20 -25.18
CA HIS A 207 -9.62 -0.01 -25.95
C HIS A 207 -8.36 0.81 -26.21
N ARG A 208 -8.52 1.87 -26.99
CA ARG A 208 -7.41 2.77 -27.26
C ARG A 208 -7.60 4.04 -26.46
N ARG A 209 -6.51 4.50 -25.84
CA ARG A 209 -6.47 5.69 -24.98
C ARG A 209 -5.43 6.61 -25.49
N ARG A 210 -5.56 7.88 -25.15
CA ARG A 210 -4.59 8.89 -25.51
C ARG A 210 -3.84 9.33 -24.24
N VAL A 211 -2.51 9.24 -24.28
CA VAL A 211 -1.68 9.67 -23.14
C VAL A 211 -0.82 10.85 -23.61
N PRO A 212 -0.82 11.99 -22.85
CA PRO A 212 0.08 13.08 -23.24
C PRO A 212 1.45 12.79 -22.67
N VAL A 213 2.40 12.47 -23.54
CA VAL A 213 3.77 12.16 -23.15
C VAL A 213 4.62 13.44 -23.18
N PRO A 214 5.36 13.78 -22.11
CA PRO A 214 6.19 15.01 -22.14
C PRO A 214 7.21 15.03 -23.30
N GLU A 215 7.38 16.20 -23.94
CA GLU A 215 8.27 16.46 -25.08
C GLU A 215 8.67 17.93 -24.95
N GLY A 216 9.63 18.16 -24.06
CA GLY A 216 10.09 19.49 -23.72
C GLY A 216 9.00 20.23 -22.98
N ASP A 217 8.63 21.41 -23.52
CA ASP A 217 7.61 22.31 -22.98
C ASP A 217 6.24 21.97 -23.53
N ARG A 218 6.16 20.93 -24.37
CA ARG A 218 4.92 20.50 -25.01
C ARG A 218 4.64 19.02 -24.75
N VAL A 219 3.45 18.56 -25.14
CA VAL A 219 3.07 17.15 -25.02
C VAL A 219 2.93 16.57 -26.41
N ARG A 220 3.24 15.29 -26.52
CA ARG A 220 3.15 14.45 -27.70
C ARG A 220 2.12 13.42 -27.31
N TRP A 221 0.94 13.50 -27.92
CA TRP A 221 -0.16 12.59 -27.67
C TRP A 221 0.15 11.26 -28.34
N VAL A 222 0.21 10.21 -27.53
CA VAL A 222 0.54 8.85 -27.97
C VAL A 222 -0.69 8.01 -27.73
N GLU A 223 -1.22 7.42 -28.81
CA GLU A 223 -2.37 6.52 -28.71
C GLU A 223 -1.84 5.16 -28.28
N GLN A 224 -2.46 4.56 -27.25
CA GLN A 224 -2.01 3.28 -26.74
C GLN A 224 -3.18 2.37 -26.36
N GLU A 225 -2.99 1.07 -26.48
CA GLU A 225 -4.05 0.16 -26.08
C GLU A 225 -3.92 -0.12 -24.60
N ASP A 226 -5.06 -0.42 -23.97
CA ASP A 226 -5.10 -0.69 -22.54
C ASP A 226 -6.34 -1.51 -22.23
N ILE A 227 -6.33 -2.13 -21.06
CA ILE A 227 -7.41 -2.93 -20.52
C ILE A 227 -8.49 -1.92 -20.07
N VAL A 228 -9.75 -2.27 -20.25
CA VAL A 228 -10.84 -1.41 -19.80
C VAL A 228 -11.08 -1.84 -18.37
N TYR A 229 -10.95 -0.90 -17.39
CA TYR A 229 -11.21 -1.29 -15.99
C TYR A 229 -12.71 -1.40 -15.73
N PHE A 230 -13.08 -2.28 -14.80
CA PHE A 230 -14.46 -2.49 -14.36
C PHE A 230 -14.42 -2.34 -12.85
N GLU A 231 -15.20 -1.38 -12.35
CA GLU A 231 -15.20 -1.00 -10.94
C GLU A 231 -16.51 -1.25 -10.18
N GLU A 232 -17.56 -1.76 -10.86
CA GLU A 232 -18.87 -2.00 -10.22
C GLU A 232 -18.89 -3.04 -9.10
N ASP A 233 -18.05 -4.07 -9.20
CA ASP A 233 -18.01 -5.18 -8.23
C ASP A 233 -16.91 -5.06 -7.19
N PHE A 234 -16.29 -3.87 -7.08
CA PHE A 234 -15.20 -3.63 -6.12
C PHE A 234 -15.60 -3.94 -4.66
N GLN A 235 -16.82 -3.55 -4.26
CA GLN A 235 -17.31 -3.80 -2.89
C GLN A 235 -17.52 -5.27 -2.57
N THR A 236 -18.22 -5.99 -3.48
CA THR A 236 -18.49 -7.43 -3.35
C THR A 236 -17.17 -8.24 -3.39
N MET A 237 -16.26 -7.91 -4.34
CA MET A 237 -14.94 -8.55 -4.47
C MET A 237 -14.04 -8.24 -3.27
N GLY A 238 -14.01 -6.99 -2.84
CA GLY A 238 -13.20 -6.55 -1.71
C GLY A 238 -13.57 -7.30 -0.46
N GLU A 239 -14.87 -7.25 -0.09
CA GLU A 239 -15.33 -7.92 1.13
C GLU A 239 -15.13 -9.41 1.14
N SER A 240 -15.23 -10.08 -0.03
CA SER A 240 -15.01 -11.53 -0.16
C SER A 240 -13.52 -11.90 -0.07
N CYS A 241 -12.67 -11.14 -0.80
CA CYS A 241 -11.21 -11.33 -0.76
C CYS A 241 -10.64 -10.94 0.61
N LEU A 242 -11.09 -9.79 1.18
CA LEU A 242 -10.59 -9.38 2.49
C LEU A 242 -10.75 -10.45 3.58
N THR A 243 -11.97 -11.01 3.76
CA THR A 243 -12.21 -12.05 4.79
C THR A 243 -11.34 -13.31 4.61
N ARG A 244 -10.89 -13.59 3.38
CA ARG A 244 -10.03 -14.73 3.07
C ARG A 244 -8.54 -14.39 3.08
N THR A 245 -8.18 -13.08 3.29
CA THR A 245 -6.78 -12.67 3.36
C THR A 245 -6.29 -12.97 4.77
N PRO A 246 -5.32 -13.89 4.94
CA PRO A 246 -4.86 -14.18 6.31
C PRO A 246 -4.09 -13.01 6.90
N GLY A 247 -4.34 -12.74 8.16
CA GLY A 247 -3.65 -11.68 8.89
C GLY A 247 -4.24 -10.29 8.73
N HIS A 248 -5.29 -10.12 7.91
CA HIS A 248 -5.94 -8.81 7.71
C HIS A 248 -6.59 -8.29 8.99
N SER A 249 -6.81 -6.97 9.05
CA SER A 249 -7.47 -6.39 10.22
C SER A 249 -8.35 -5.22 9.88
N ARG A 250 -9.34 -5.02 10.72
CA ARG A 250 -10.29 -3.91 10.66
C ARG A 250 -10.17 -3.20 11.97
N GLY A 251 -10.34 -1.88 11.97
CA GLY A 251 -10.30 -1.10 13.20
C GLY A 251 -10.53 0.38 13.00
N THR A 252 -10.32 1.14 14.06
CA THR A 252 -10.51 2.59 14.00
C THR A 252 -9.16 3.29 14.18
N VAL A 253 -8.85 4.25 13.27
CA VAL A 253 -7.65 5.09 13.36
C VAL A 253 -8.26 6.49 13.51
N GLY A 254 -8.12 7.07 14.69
CA GLY A 254 -8.79 8.32 15.01
C GLY A 254 -10.27 7.99 15.13
N GLU A 255 -11.09 8.66 14.32
CA GLU A 255 -12.52 8.41 14.22
C GLU A 255 -12.80 7.56 13.00
N ALA A 256 -11.81 7.46 12.07
CA ALA A 256 -11.93 6.77 10.78
C ALA A 256 -11.96 5.28 10.84
N ALA A 257 -12.85 4.68 10.04
CA ALA A 257 -12.91 3.22 9.94
C ALA A 257 -11.73 2.83 9.03
N ALA A 258 -10.97 1.81 9.41
CA ALA A 258 -9.81 1.40 8.60
C ALA A 258 -9.70 -0.12 8.35
N VAL A 259 -9.09 -0.46 7.23
CA VAL A 259 -8.84 -1.83 6.79
C VAL A 259 -7.33 -1.96 6.44
N LEU A 260 -6.68 -3.00 6.95
CA LEU A 260 -5.28 -3.25 6.68
C LEU A 260 -5.19 -4.68 6.18
N TYR A 261 -4.47 -4.90 5.07
CA TYR A 261 -4.35 -6.25 4.48
C TYR A 261 -3.02 -6.45 3.75
N GLY A 262 -2.58 -7.70 3.63
CA GLY A 262 -1.35 -8.05 2.89
C GLY A 262 -1.70 -7.98 1.42
N GLN A 263 -0.95 -7.17 0.65
CA GLN A 263 -1.30 -6.99 -0.77
C GLN A 263 -1.18 -8.22 -1.63
N ARG A 264 -0.11 -9.02 -1.44
CA ARG A 264 0.13 -10.24 -2.23
C ARG A 264 -1.01 -11.21 -2.15
N ALA A 265 -1.37 -11.64 -0.94
CA ALA A 265 -2.44 -12.64 -0.73
C ALA A 265 -3.74 -12.08 -1.25
N PHE A 266 -4.01 -10.80 -0.96
CA PHE A 266 -5.26 -10.16 -1.41
C PHE A 266 -5.36 -10.02 -2.93
N VAL A 267 -4.30 -9.59 -3.62
CA VAL A 267 -4.35 -9.45 -5.07
C VAL A 267 -4.57 -10.83 -5.74
N ASP A 268 -3.86 -11.89 -5.24
CA ASP A 268 -4.00 -13.27 -5.76
C ASP A 268 -5.45 -13.76 -5.61
N LEU A 269 -6.12 -13.42 -4.46
CA LEU A 269 -7.52 -13.79 -4.26
C LEU A 269 -8.43 -13.02 -5.18
N ALA A 270 -8.05 -11.78 -5.53
CA ALA A 270 -8.87 -10.91 -6.43
C ALA A 270 -8.84 -11.47 -7.83
N CYS A 271 -7.69 -12.08 -8.21
CA CYS A 271 -7.53 -12.75 -9.51
C CYS A 271 -8.45 -13.95 -9.60
N GLU A 272 -8.52 -14.72 -8.50
CA GLU A 272 -9.40 -15.90 -8.39
C GLU A 272 -10.87 -15.50 -8.42
N TRP A 273 -11.24 -14.35 -7.76
CA TRP A 273 -12.61 -13.80 -7.70
C TRP A 273 -13.06 -13.34 -9.06
N MET A 274 -12.19 -12.62 -9.79
CA MET A 274 -12.53 -12.17 -11.13
C MET A 274 -12.77 -13.34 -12.07
N THR A 275 -11.89 -14.36 -12.09
CA THR A 275 -12.08 -15.52 -12.97
C THR A 275 -13.36 -16.33 -12.67
N ALA A 276 -13.74 -16.45 -11.38
CA ALA A 276 -14.94 -17.15 -10.92
C ALA A 276 -16.25 -16.34 -10.96
N HIS A 277 -16.19 -15.00 -10.74
CA HIS A 277 -17.39 -14.16 -10.60
C HIS A 277 -17.64 -13.06 -11.63
N ARG A 278 -16.64 -12.72 -12.49
CA ARG A 278 -16.82 -11.70 -13.52
C ARG A 278 -17.12 -12.36 -14.85
N ASP A 279 -18.11 -11.82 -15.55
CA ASP A 279 -18.52 -12.24 -16.89
C ASP A 279 -19.15 -11.00 -17.50
N LEU A 280 -18.38 -10.28 -18.32
CA LEU A 280 -18.86 -9.03 -18.91
C LEU A 280 -19.71 -9.27 -20.14
N ALA A 281 -20.87 -8.55 -20.21
CA ALA A 281 -21.90 -8.58 -21.25
C ALA A 281 -21.39 -8.85 -22.66
N PRO B 14 -15.90 31.27 -24.97
CA PRO B 14 -16.28 31.24 -23.56
C PRO B 14 -17.21 30.09 -23.20
N ASP B 15 -16.98 29.49 -22.02
CA ASP B 15 -17.75 28.36 -21.50
C ASP B 15 -19.07 28.79 -20.89
N ARG B 16 -19.91 27.81 -20.45
CA ARG B 16 -21.20 28.01 -19.77
C ARG B 16 -21.11 29.08 -18.69
N GLN B 17 -20.00 29.07 -17.92
CA GLN B 17 -19.69 29.98 -16.81
C GLN B 17 -19.00 31.29 -17.22
N ASP B 18 -19.15 31.69 -18.51
CA ASP B 18 -18.55 32.90 -19.11
C ASP B 18 -17.03 33.03 -19.00
N ARG B 19 -16.31 31.94 -18.67
CA ARG B 19 -14.84 31.97 -18.55
C ARG B 19 -14.19 31.72 -19.92
N GLU B 20 -13.12 32.49 -20.25
CA GLU B 20 -12.39 32.30 -21.49
C GLU B 20 -11.12 31.46 -21.35
N LEU B 21 -10.77 30.72 -22.42
CA LEU B 21 -9.61 29.83 -22.46
C LEU B 21 -8.32 30.59 -22.44
N VAL B 22 -7.57 30.36 -21.38
CA VAL B 22 -6.31 31.04 -21.17
C VAL B 22 -5.19 30.00 -21.14
N THR B 23 -4.12 30.23 -21.91
CA THR B 23 -3.02 29.26 -22.02
C THR B 23 -1.76 29.79 -21.39
N ARG B 24 -0.75 28.91 -21.14
CA ARG B 24 0.56 29.30 -20.61
C ARG B 24 1.21 30.42 -21.49
N ASP B 25 1.21 30.22 -22.82
CA ASP B 25 1.82 31.19 -23.79
C ASP B 25 1.13 32.53 -23.79
N ARG B 26 -0.22 32.55 -23.67
CA ARG B 26 -1.02 33.77 -23.61
C ARG B 26 -0.72 34.52 -22.31
N LEU B 27 -0.57 33.78 -21.16
CA LEU B 27 -0.29 34.40 -19.88
C LEU B 27 1.10 35.03 -19.89
N ALA B 28 2.12 34.30 -20.38
CA ALA B 28 3.48 34.84 -20.41
C ALA B 28 3.54 36.15 -21.26
N SER B 29 2.84 36.18 -22.39
CA SER B 29 2.84 37.36 -23.27
C SER B 29 2.11 38.52 -22.63
N ASP B 30 0.96 38.25 -21.98
CA ASP B 30 0.17 39.25 -21.24
C ASP B 30 1.01 39.82 -20.12
N LEU B 31 1.83 38.98 -19.47
CA LEU B 31 2.73 39.43 -18.40
C LEU B 31 3.81 40.34 -18.98
N ALA B 32 4.45 39.90 -20.07
CA ALA B 32 5.45 40.74 -20.78
C ALA B 32 4.80 42.10 -21.15
N ALA B 33 3.55 42.10 -21.68
CA ALA B 33 2.86 43.32 -22.08
C ALA B 33 2.53 44.23 -20.90
N LEU B 34 2.25 43.65 -19.72
CA LEU B 34 1.97 44.42 -18.52
C LEU B 34 3.26 45.17 -18.07
N GLY B 35 4.41 44.58 -18.32
CA GLY B 35 5.67 45.22 -18.01
C GLY B 35 6.63 44.35 -17.22
N VAL B 36 6.29 43.06 -17.01
CA VAL B 36 7.15 42.16 -16.22
C VAL B 36 8.51 42.13 -16.92
N ARG B 37 9.59 42.44 -16.16
CA ARG B 37 10.94 42.53 -16.74
C ARG B 37 11.69 41.21 -16.72
N PRO B 38 12.31 40.80 -17.86
CA PRO B 38 13.09 39.57 -17.85
C PRO B 38 14.39 39.79 -17.09
N GLY B 39 14.73 38.88 -16.19
CA GLY B 39 15.93 38.99 -15.37
C GLY B 39 15.69 39.73 -14.06
N GLY B 40 14.47 40.24 -13.85
CA GLY B 40 14.12 40.95 -12.63
C GLY B 40 13.59 40.04 -11.54
N VAL B 41 13.46 40.57 -10.32
CA VAL B 41 12.93 39.92 -9.14
C VAL B 41 11.47 40.33 -9.10
N LEU B 42 10.57 39.36 -8.95
CA LEU B 42 9.13 39.63 -8.95
C LEU B 42 8.41 38.92 -7.80
N LEU B 43 7.69 39.69 -6.96
CA LEU B 43 6.92 39.18 -5.84
C LEU B 43 5.50 39.11 -6.35
N VAL B 44 4.90 37.88 -6.39
CA VAL B 44 3.55 37.67 -6.92
C VAL B 44 2.50 37.39 -5.87
N HIS B 45 1.32 37.97 -6.06
CA HIS B 45 0.13 37.75 -5.26
C HIS B 45 -0.89 37.39 -6.32
N ALA B 46 -1.21 36.10 -6.43
CA ALA B 46 -2.09 35.61 -7.49
C ALA B 46 -3.41 34.99 -7.05
N SER B 47 -4.42 35.12 -7.92
CA SER B 47 -5.72 34.43 -7.84
C SER B 47 -5.85 33.61 -9.11
N LEU B 48 -6.06 32.30 -8.99
CA LEU B 48 -6.21 31.43 -10.17
C LEU B 48 -7.57 31.62 -10.84
N SER B 49 -8.64 31.71 -10.06
CA SER B 49 -9.99 31.86 -10.60
C SER B 49 -10.19 33.18 -11.42
N ALA B 50 -9.43 34.24 -11.07
CA ALA B 50 -9.49 35.56 -11.72
C ALA B 50 -9.02 35.51 -13.17
N LEU B 51 -8.05 34.61 -13.46
CA LEU B 51 -7.41 34.43 -14.75
C LEU B 51 -8.31 34.01 -15.91
N GLY B 52 -9.39 33.30 -15.59
CA GLY B 52 -10.35 32.76 -16.56
C GLY B 52 -10.37 31.26 -16.35
N TRP B 53 -10.28 30.47 -17.44
CA TRP B 53 -10.08 29.01 -17.38
C TRP B 53 -8.65 28.76 -17.89
N VAL B 54 -7.77 28.38 -17.00
CA VAL B 54 -6.38 28.21 -17.38
C VAL B 54 -6.15 26.79 -17.84
N CYS B 55 -5.63 26.66 -19.05
CA CYS B 55 -5.31 25.34 -19.59
C CYS B 55 -4.06 24.88 -18.89
N GLY B 56 -4.24 23.96 -17.96
CA GLY B 56 -3.14 23.43 -17.16
C GLY B 56 -3.16 24.00 -15.76
N GLY B 57 -4.20 24.75 -15.44
CA GLY B 57 -4.44 25.33 -14.13
C GLY B 57 -3.26 26.03 -13.51
N ALA B 58 -3.05 25.81 -12.19
CA ALA B 58 -1.98 26.46 -11.42
C ALA B 58 -0.57 26.19 -11.96
N GLN B 59 -0.33 24.97 -12.50
CA GLN B 59 0.96 24.61 -13.08
C GLN B 59 1.29 25.53 -14.27
N ALA B 60 0.26 25.85 -15.10
CA ALA B 60 0.41 26.75 -16.24
C ALA B 60 0.67 28.19 -15.85
N VAL B 61 0.17 28.64 -14.69
CA VAL B 61 0.41 30.01 -14.18
C VAL B 61 1.90 30.07 -13.71
N VAL B 62 2.38 29.08 -12.94
CA VAL B 62 3.78 29.00 -12.49
C VAL B 62 4.71 29.09 -13.67
N LEU B 63 4.52 28.25 -14.69
CA LEU B 63 5.35 28.18 -15.90
C LEU B 63 5.34 29.48 -16.67
N ALA B 64 4.17 30.12 -16.82
CA ALA B 64 4.07 31.41 -17.51
C ALA B 64 4.85 32.51 -16.74
N LEU B 65 4.81 32.46 -15.39
CA LEU B 65 5.51 33.46 -14.56
C LEU B 65 7.04 33.24 -14.64
N GLN B 66 7.47 31.94 -14.68
CA GLN B 66 8.88 31.51 -14.88
C GLN B 66 9.36 31.99 -16.29
N ASP B 67 8.49 31.94 -17.31
CA ASP B 67 8.78 32.40 -18.69
C ASP B 67 8.98 33.91 -18.74
N ALA B 68 8.14 34.64 -17.99
CA ALA B 68 8.17 36.11 -17.95
C ALA B 68 9.44 36.66 -17.36
N VAL B 69 9.91 36.07 -16.25
CA VAL B 69 11.14 36.55 -15.59
C VAL B 69 12.42 35.94 -16.18
N GLY B 70 12.28 34.75 -16.74
CA GLY B 70 13.37 34.01 -17.37
C GLY B 70 14.34 33.38 -16.39
N LYS B 71 15.41 32.77 -16.92
CA LYS B 71 16.43 32.09 -16.14
C LYS B 71 17.20 33.01 -15.21
N GLU B 72 17.44 34.26 -15.64
CA GLU B 72 18.16 35.24 -14.83
C GLU B 72 17.25 35.93 -13.80
N GLY B 73 15.93 35.75 -13.96
CA GLY B 73 14.94 36.35 -13.09
C GLY B 73 14.67 35.55 -11.82
N THR B 74 13.91 36.15 -10.87
CA THR B 74 13.55 35.50 -9.59
C THR B 74 12.08 35.66 -9.32
N LEU B 75 11.42 34.58 -8.91
CA LEU B 75 10.01 34.63 -8.52
C LEU B 75 9.97 34.41 -7.00
N VAL B 76 9.08 35.13 -6.33
CA VAL B 76 8.93 35.12 -4.87
C VAL B 76 7.47 35.12 -4.61
N MET B 77 7.00 34.30 -3.65
CA MET B 77 5.56 34.32 -3.31
C MET B 77 5.37 34.08 -1.82
N PRO B 78 4.38 34.73 -1.17
CA PRO B 78 4.11 34.39 0.25
C PRO B 78 3.63 32.93 0.35
N THR B 79 4.17 32.16 1.31
CA THR B 79 3.76 30.78 1.55
C THR B 79 3.36 30.67 3.05
N PHE B 80 2.50 31.59 3.51
CA PHE B 80 2.10 31.69 4.91
C PHE B 80 1.33 30.45 5.38
N SER B 81 1.63 30.04 6.61
CA SER B 81 1.01 28.90 7.27
C SER B 81 0.59 29.41 8.65
N GLY B 82 -0.44 30.26 8.63
CA GLY B 82 -0.98 30.95 9.79
C GLY B 82 -1.66 30.10 10.83
N ASP B 83 -1.87 28.81 10.54
CA ASP B 83 -2.46 27.84 11.47
C ASP B 83 -1.45 27.49 12.55
N LEU B 84 -0.13 27.71 12.27
CA LEU B 84 0.95 27.43 13.22
C LEU B 84 1.03 28.62 14.18
N SER B 85 -0.10 28.90 14.86
CA SER B 85 -0.28 30.00 15.81
C SER B 85 -1.01 29.42 17.05
N ASP B 86 -1.04 30.20 18.15
CA ASP B 86 -1.69 29.75 19.41
C ASP B 86 -3.16 29.50 19.17
N PRO B 87 -3.72 28.36 19.64
CA PRO B 87 -5.16 28.11 19.42
C PRO B 87 -6.12 29.15 19.99
N SER B 88 -5.70 29.94 21.00
CA SER B 88 -6.55 31.00 21.56
C SER B 88 -6.93 32.03 20.50
N THR B 89 -6.06 32.23 19.50
CA THR B 89 -6.24 33.23 18.43
C THR B 89 -7.10 32.79 17.24
N TRP B 90 -7.38 31.46 17.09
CA TRP B 90 -8.13 30.94 15.93
C TRP B 90 -9.59 31.40 15.93
N ARG B 91 -9.99 32.01 14.81
CA ARG B 91 -11.30 32.60 14.62
C ARG B 91 -12.20 32.03 13.53
N ARG B 92 -11.65 31.86 12.28
CA ARG B 92 -12.39 31.33 11.11
C ARG B 92 -12.92 29.98 11.58
N PRO B 93 -12.10 28.93 11.80
CA PRO B 93 -12.63 27.73 12.47
C PRO B 93 -12.14 27.79 13.94
N PRO B 94 -12.90 28.30 14.95
CA PRO B 94 -12.39 28.29 16.33
C PRO B 94 -12.52 26.90 16.97
N VAL B 95 -11.60 26.54 17.88
CA VAL B 95 -11.62 25.23 18.52
C VAL B 95 -11.98 25.27 20.03
N PRO B 96 -12.57 24.17 20.63
CA PRO B 96 -12.88 24.20 22.08
C PRO B 96 -11.67 24.58 22.91
N GLU B 97 -11.89 25.36 23.99
CA GLU B 97 -10.82 25.86 24.87
C GLU B 97 -10.07 24.75 25.62
N ASP B 98 -10.75 23.63 25.85
CA ASP B 98 -10.20 22.40 26.47
C ASP B 98 -9.05 21.82 25.63
N TRP B 99 -9.15 21.95 24.28
CA TRP B 99 -8.16 21.42 23.33
C TRP B 99 -6.84 22.20 23.29
N TRP B 100 -6.86 23.51 23.71
CA TRP B 100 -5.73 24.45 23.65
C TRP B 100 -4.43 23.92 24.21
N PRO B 101 -4.39 23.35 25.45
CA PRO B 101 -3.13 22.78 25.98
C PRO B 101 -2.63 21.58 25.17
N VAL B 102 -3.57 20.76 24.64
CA VAL B 102 -3.23 19.58 23.82
C VAL B 102 -2.66 20.08 22.49
N ILE B 103 -3.37 21.03 21.84
CA ILE B 103 -2.93 21.64 20.59
C ILE B 103 -1.55 22.25 20.77
N ARG B 104 -1.35 23.03 21.86
CA ARG B 104 -0.06 23.66 22.10
C ARG B 104 1.06 22.64 22.25
N GLU B 105 0.81 21.54 22.96
CA GLU B 105 1.81 20.48 23.14
C GLU B 105 2.03 19.59 21.92
N GLN B 106 0.97 19.28 21.16
CA GLN B 106 1.07 18.30 20.06
C GLN B 106 1.13 18.83 18.62
N MET B 107 1.12 20.14 18.44
CA MET B 107 1.19 20.74 17.10
C MET B 107 2.51 20.37 16.45
N PRO B 108 2.52 19.81 15.22
CA PRO B 108 3.83 19.52 14.58
C PRO B 108 4.57 20.81 14.28
N PRO B 109 5.93 20.76 14.24
CA PRO B 109 6.68 21.95 13.85
C PRO B 109 6.59 22.27 12.36
N PHE B 110 6.81 23.52 12.02
CA PHE B 110 6.87 23.91 10.62
C PHE B 110 7.95 23.09 9.93
N ASP B 111 7.63 22.52 8.75
CA ASP B 111 8.56 21.80 7.87
C ASP B 111 8.40 22.52 6.52
N PRO B 112 9.45 23.13 5.91
CA PRO B 112 9.24 23.88 4.64
C PRO B 112 8.71 23.03 3.50
N ASP B 113 9.09 21.76 3.48
CA ASP B 113 8.64 20.79 2.48
C ASP B 113 7.23 20.34 2.76
N LEU B 114 6.92 20.04 4.02
CA LEU B 114 5.63 19.49 4.40
C LEU B 114 4.50 20.45 4.73
N THR B 115 4.77 21.55 5.45
CA THR B 115 3.68 22.40 5.90
C THR B 115 2.92 23.06 4.78
N PRO B 116 1.59 22.87 4.66
CA PRO B 116 0.85 23.56 3.60
C PRO B 116 0.65 25.05 3.90
N THR B 117 0.36 25.83 2.86
CA THR B 117 0.06 27.23 3.01
C THR B 117 -1.42 27.32 3.33
N ARG B 118 -1.85 28.44 3.95
CA ARG B 118 -3.27 28.75 4.21
C ARG B 118 -3.56 30.16 3.69
N GLY B 119 -4.65 30.31 2.95
CA GLY B 119 -5.09 31.58 2.39
C GLY B 119 -4.20 32.18 1.30
N MET B 120 -3.22 31.38 0.79
CA MET B 120 -2.23 31.85 -0.20
C MET B 120 -2.62 31.65 -1.66
N GLY B 121 -3.52 30.71 -1.89
CA GLY B 121 -4.01 30.35 -3.21
C GLY B 121 -3.30 29.17 -3.85
N ALA B 122 -3.99 28.57 -4.86
CA ALA B 122 -3.51 27.45 -5.69
C ALA B 122 -2.14 27.68 -6.34
N VAL B 123 -1.84 28.92 -6.79
CA VAL B 123 -0.60 29.24 -7.49
C VAL B 123 0.58 29.11 -6.55
N ALA B 124 0.52 29.76 -5.33
CA ALA B 124 1.60 29.68 -4.34
C ALA B 124 1.81 28.26 -3.87
N GLU B 125 0.71 27.51 -3.66
CA GLU B 125 0.74 26.11 -3.23
C GLU B 125 1.43 25.21 -4.26
N CYS B 126 1.18 25.49 -5.53
CA CYS B 126 1.82 24.79 -6.65
C CYS B 126 3.32 25.22 -6.72
N PHE B 127 3.58 26.55 -6.75
CA PHE B 127 4.89 27.18 -6.83
C PHE B 127 5.88 26.67 -5.83
N ARG B 128 5.49 26.60 -4.56
CA ARG B 128 6.40 26.24 -3.47
C ARG B 128 7.09 24.89 -3.66
N ARG B 129 6.48 23.98 -4.44
CA ARG B 129 7.05 22.65 -4.69
C ARG B 129 7.75 22.48 -6.04
N ALA B 130 7.78 23.53 -6.85
CA ALA B 130 8.47 23.51 -8.14
C ALA B 130 9.96 23.12 -7.98
N ALA B 131 10.53 22.48 -9.02
CA ALA B 131 11.96 22.14 -9.05
C ALA B 131 12.73 23.46 -8.96
N GLY B 132 13.61 23.56 -7.96
CA GLY B 132 14.45 24.74 -7.76
C GLY B 132 13.90 25.78 -6.83
N ALA B 133 12.62 25.63 -6.40
CA ALA B 133 12.04 26.54 -5.46
C ALA B 133 12.54 26.15 -4.07
N VAL B 134 12.76 27.18 -3.24
CA VAL B 134 13.26 27.11 -1.87
C VAL B 134 12.32 27.92 -0.99
N ARG B 135 12.17 27.52 0.25
CA ARG B 135 11.24 28.16 1.19
C ARG B 135 11.93 28.63 2.47
N SER B 136 11.60 29.84 2.95
CA SER B 136 12.19 30.44 4.15
C SER B 136 11.73 29.70 5.42
N GLY B 137 12.42 29.94 6.52
CA GLY B 137 12.21 29.23 7.77
C GLY B 137 11.19 29.75 8.75
N HIS B 138 10.55 30.91 8.50
CA HIS B 138 9.57 31.37 9.50
C HIS B 138 8.35 30.45 9.53
N PRO B 139 7.96 29.98 10.75
CA PRO B 139 6.83 29.04 10.85
C PRO B 139 5.45 29.59 10.48
N GLN B 140 5.27 30.89 10.43
CA GLN B 140 3.93 31.44 10.08
C GLN B 140 3.93 32.23 8.80
N ASN B 141 5.06 32.86 8.48
CA ASN B 141 5.13 33.79 7.39
C ASN B 141 6.22 33.54 6.39
N SER B 142 6.51 32.25 6.10
CA SER B 142 7.50 31.90 5.09
C SER B 142 7.14 32.43 3.70
N PHE B 143 8.16 32.47 2.84
CA PHE B 143 8.03 32.80 1.43
C PHE B 143 8.74 31.71 0.66
N ALA B 144 8.34 31.51 -0.60
CA ALA B 144 9.08 30.60 -1.46
C ALA B 144 9.68 31.44 -2.59
N ALA B 145 10.84 31.02 -3.09
CA ALA B 145 11.48 31.77 -4.18
C ALA B 145 12.04 30.80 -5.19
N TRP B 146 12.20 31.25 -6.44
CA TRP B 146 12.73 30.41 -7.53
C TRP B 146 13.55 31.33 -8.40
N GLY B 147 14.62 30.84 -8.99
CA GLY B 147 15.44 31.65 -9.88
C GLY B 147 16.79 32.08 -9.35
N ALA B 148 17.39 33.06 -10.05
CA ALA B 148 18.76 33.52 -9.83
C ALA B 148 19.11 33.89 -8.39
N HIS B 149 18.23 34.62 -7.69
CA HIS B 149 18.52 35.04 -6.31
C HIS B 149 17.61 34.39 -5.29
N ALA B 150 17.05 33.18 -5.59
CA ALA B 150 16.13 32.49 -4.69
C ALA B 150 16.66 32.24 -3.28
N GLU B 151 17.85 31.66 -3.18
CA GLU B 151 18.54 31.31 -1.92
C GLU B 151 18.76 32.55 -1.06
N GLN B 152 19.15 33.67 -1.70
CA GLN B 152 19.36 34.95 -1.02
C GLN B 152 18.05 35.47 -0.43
N VAL B 153 16.97 35.44 -1.21
CA VAL B 153 15.63 35.91 -0.79
C VAL B 153 15.11 35.20 0.47
N VAL B 154 15.26 33.88 0.56
CA VAL B 154 14.72 33.07 1.66
C VAL B 154 15.66 32.82 2.88
N ALA B 155 16.97 33.08 2.72
CA ALA B 155 18.04 32.83 3.71
C ALA B 155 17.97 33.37 5.14
N GLU B 156 17.69 34.65 5.34
CA GLU B 156 17.83 35.17 6.71
C GLU B 156 16.59 35.23 7.60
N HIS B 157 15.46 34.60 7.20
CA HIS B 157 14.16 34.71 7.88
C HIS B 157 14.16 34.58 9.40
N GLY B 158 14.25 35.74 10.05
CA GLY B 158 14.29 35.86 11.51
C GLY B 158 12.93 36.15 12.11
N LEU B 159 12.82 35.92 13.41
CA LEU B 159 11.63 36.12 14.22
C LEU B 159 11.34 37.59 14.56
N THR B 160 12.40 38.44 14.70
CA THR B 160 12.28 39.85 15.15
C THR B 160 11.28 40.64 14.34
N GLU B 161 11.41 40.62 13.03
CA GLU B 161 10.46 41.29 12.15
C GLU B 161 10.10 40.31 11.04
N ARG B 162 9.11 39.44 11.30
CA ARG B 162 8.63 38.38 10.39
C ARG B 162 8.32 38.85 8.97
N LEU B 163 7.90 40.11 8.82
CA LEU B 163 7.61 40.76 7.55
C LEU B 163 8.32 42.12 7.49
N GLY B 164 9.55 42.16 8.04
CA GLY B 164 10.34 43.38 8.06
C GLY B 164 11.81 43.12 7.81
N ARG B 165 12.68 43.74 8.60
CA ARG B 165 14.13 43.59 8.47
C ARG B 165 14.50 42.13 8.68
N GLY B 166 15.28 41.58 7.77
CA GLY B 166 15.68 40.19 7.85
C GLY B 166 14.60 39.23 7.45
N SER B 167 13.69 39.68 6.55
CA SER B 167 12.60 38.86 6.01
C SER B 167 12.67 38.92 4.49
N PRO B 168 12.10 37.94 3.74
CA PRO B 168 12.12 38.01 2.26
C PRO B 168 11.55 39.31 1.67
N LEU B 169 10.67 40.04 2.42
CA LEU B 169 10.18 41.35 1.93
C LEU B 169 11.33 42.36 1.85
N GLU B 170 12.29 42.25 2.76
CA GLU B 170 13.46 43.11 2.81
C GLU B 170 14.39 42.79 1.63
N GLN B 171 14.55 41.49 1.27
CA GLN B 171 15.38 41.04 0.16
C GLN B 171 14.82 41.51 -1.17
N VAL B 172 13.49 41.49 -1.36
CA VAL B 172 12.85 41.98 -2.60
C VAL B 172 13.23 43.46 -2.77
N TYR B 173 13.07 44.24 -1.69
CA TYR B 173 13.42 45.65 -1.66
C TYR B 173 14.89 45.83 -2.06
N ARG B 174 15.79 45.13 -1.36
CA ARG B 174 17.23 45.19 -1.57
C ARG B 174 17.61 44.88 -3.02
N LEU B 175 16.95 43.87 -3.63
CA LEU B 175 17.21 43.46 -5.01
C LEU B 175 16.44 44.30 -6.01
N ASP B 176 15.77 45.40 -5.56
CA ASP B 176 15.01 46.31 -6.42
C ASP B 176 13.93 45.54 -7.25
N GLY B 177 13.20 44.64 -6.61
CA GLY B 177 12.18 43.83 -7.26
C GLY B 177 10.95 44.64 -7.68
N GLN B 178 10.04 43.99 -8.42
CA GLN B 178 8.73 44.53 -8.81
C GLN B 178 7.71 43.73 -8.00
N VAL B 179 6.46 44.20 -7.94
CA VAL B 179 5.36 43.50 -7.30
C VAL B 179 4.23 43.33 -8.31
N LEU B 180 3.74 42.10 -8.47
CA LEU B 180 2.60 41.78 -9.30
C LEU B 180 1.36 41.42 -8.42
N LEU B 181 0.24 42.15 -8.61
CA LEU B 181 -1.03 41.86 -7.95
C LEU B 181 -1.88 41.30 -9.11
N LEU B 182 -1.98 39.97 -9.17
CA LEU B 182 -2.62 39.24 -10.26
C LEU B 182 -4.02 38.76 -9.89
N GLY B 183 -5.02 39.55 -10.23
CA GLY B 183 -6.41 39.16 -9.95
C GLY B 183 -6.86 39.37 -8.52
N CYS B 184 -6.05 40.06 -7.73
CA CYS B 184 -6.33 40.44 -6.35
C CYS B 184 -5.82 41.86 -6.19
N GLY B 185 -6.22 42.53 -5.14
CA GLY B 185 -5.83 43.93 -4.96
C GLY B 185 -4.94 44.21 -3.78
N PHE B 186 -5.01 45.46 -3.32
CA PHE B 186 -4.24 45.98 -2.21
C PHE B 186 -4.53 45.29 -0.85
N GLU B 187 -5.65 44.56 -0.70
CA GLU B 187 -5.90 43.76 0.51
C GLU B 187 -4.86 42.59 0.66
N SER B 188 -4.16 42.21 -0.44
CA SER B 188 -3.19 41.12 -0.43
C SER B 188 -1.77 41.62 -0.57
N ASN B 189 -1.55 42.92 -0.37
CA ASN B 189 -0.26 43.54 -0.59
C ASN B 189 0.68 43.51 0.61
N THR B 190 1.44 42.38 0.74
CA THR B 190 2.35 42.13 1.86
C THR B 190 3.39 43.22 2.07
N SER B 191 3.89 43.84 0.96
CA SER B 191 4.91 44.89 1.03
C SER B 191 4.55 46.06 1.99
N PHE B 192 3.25 46.28 2.21
CA PHE B 192 2.80 47.30 3.16
C PHE B 192 3.34 47.03 4.57
N HIS B 193 3.53 45.74 4.94
CA HIS B 193 4.05 45.38 6.27
C HIS B 193 5.49 45.82 6.47
N LEU B 194 6.29 45.84 5.38
CA LEU B 194 7.68 46.29 5.42
C LEU B 194 7.72 47.78 5.79
N ALA B 195 6.81 48.57 5.20
CA ALA B 195 6.67 49.99 5.50
C ALA B 195 6.26 50.14 6.99
N GLU B 196 5.28 49.32 7.45
CA GLU B 196 4.79 49.33 8.85
C GLU B 196 5.91 49.19 9.88
N TYR B 197 6.85 48.29 9.64
CA TYR B 197 7.97 48.14 10.57
C TYR B 197 8.93 49.32 10.48
N ARG B 198 9.14 49.88 9.24
CA ARG B 198 10.08 50.97 9.02
C ARG B 198 9.67 52.35 9.55
N THR B 199 8.37 52.55 9.73
CA THR B 199 7.79 53.83 10.05
C THR B 199 7.21 53.90 11.46
N ALA B 200 7.59 54.95 12.20
CA ALA B 200 7.06 55.20 13.52
C ALA B 200 5.90 56.14 13.29
N TYR B 201 4.81 55.64 12.69
CA TYR B 201 3.66 56.51 12.41
C TYR B 201 2.94 56.85 13.72
N PRO B 202 2.13 57.95 13.77
CA PRO B 202 1.50 58.35 15.05
C PRO B 202 1.03 57.31 16.09
N GLY B 203 -0.03 56.58 15.83
CA GLY B 203 -0.48 55.60 16.83
C GLY B 203 0.07 54.17 16.73
N ARG B 204 1.32 53.98 16.23
CA ARG B 204 1.89 52.62 16.10
C ARG B 204 1.95 51.83 17.42
N ARG B 205 1.39 50.62 17.44
CA ARG B 205 1.36 49.77 18.64
C ARG B 205 2.25 48.55 18.48
N SER B 206 2.53 47.94 19.64
CA SER B 206 3.27 46.70 19.79
C SER B 206 2.40 45.81 20.68
N HIS B 207 2.56 44.50 20.54
CA HIS B 207 1.90 43.50 21.35
C HIS B 207 2.85 42.33 21.48
N ARG B 208 2.46 41.34 22.27
CA ARG B 208 3.23 40.13 22.45
C ARG B 208 2.47 39.04 21.74
N ARG B 209 3.20 38.14 21.09
CA ARG B 209 2.69 37.04 20.26
C ARG B 209 3.46 35.79 20.58
N ARG B 210 2.78 34.63 20.42
CA ARG B 210 3.40 33.32 20.60
C ARG B 210 3.68 32.72 19.24
N VAL B 211 4.93 32.32 19.06
CA VAL B 211 5.42 31.73 17.83
C VAL B 211 5.93 30.34 18.16
N PRO B 212 5.41 29.28 17.50
CA PRO B 212 5.94 27.94 17.75
C PRO B 212 7.23 27.72 16.95
N VAL B 213 8.35 27.64 17.67
CA VAL B 213 9.65 27.44 17.03
C VAL B 213 9.98 25.96 16.93
N PRO B 214 10.37 25.44 15.75
CA PRO B 214 10.68 23.99 15.67
C PRO B 214 11.80 23.58 16.62
N GLU B 215 11.57 22.51 17.39
CA GLU B 215 12.51 21.93 18.37
C GLU B 215 12.44 20.40 18.17
N GLY B 216 13.18 19.94 17.15
CA GLY B 216 13.19 18.54 16.75
C GLY B 216 11.84 18.11 16.24
N ASP B 217 11.17 17.21 16.97
CA ASP B 217 9.85 16.65 16.69
C ASP B 217 8.70 17.46 17.32
N ARG B 218 9.05 18.43 18.19
CA ARG B 218 8.09 19.26 18.91
C ARG B 218 8.29 20.74 18.61
N VAL B 219 7.40 21.58 19.13
CA VAL B 219 7.48 23.03 19.02
C VAL B 219 7.79 23.62 20.39
N ARG B 220 8.51 24.74 20.40
CA ARG B 220 8.83 25.50 21.61
C ARG B 220 8.12 26.84 21.41
N TRP B 221 7.13 27.15 22.26
CA TRP B 221 6.36 28.39 22.17
C TRP B 221 7.12 29.58 22.70
N VAL B 222 7.60 30.42 21.79
CA VAL B 222 8.37 31.61 22.14
C VAL B 222 7.49 32.87 22.14
N GLU B 223 7.44 33.57 23.26
CA GLU B 223 6.69 34.82 23.29
C GLU B 223 7.65 35.88 22.77
N GLN B 224 7.15 36.74 21.91
CA GLN B 224 8.00 37.74 21.30
C GLN B 224 7.24 39.00 21.11
N GLU B 225 7.96 40.12 21.07
CA GLU B 225 7.33 41.40 20.82
C GLU B 225 7.24 41.62 19.30
N ASP B 226 6.17 42.28 18.88
CA ASP B 226 6.00 42.55 17.46
C ASP B 226 5.12 43.76 17.31
N ILE B 227 5.15 44.35 16.14
CA ILE B 227 4.34 45.49 15.74
C ILE B 227 2.94 44.98 15.45
N VAL B 228 1.91 45.74 15.84
CA VAL B 228 0.53 45.38 15.52
C VAL B 228 0.27 45.93 14.12
N TYR B 229 -0.12 45.08 13.17
CA TYR B 229 -0.39 45.52 11.81
C TYR B 229 -1.77 46.16 11.77
N PHE B 230 -1.90 47.21 10.98
CA PHE B 230 -3.17 47.90 10.74
C PHE B 230 -3.41 47.76 9.23
N GLU B 231 -4.55 47.17 8.83
CA GLU B 231 -4.84 46.86 7.42
C GLU B 231 -6.03 47.60 6.82
N GLU B 232 -6.78 48.36 7.64
CA GLU B 232 -8.02 49.02 7.16
C GLU B 232 -7.86 50.09 6.03
N ASP B 233 -6.67 50.70 5.90
CA ASP B 233 -6.40 51.73 4.89
C ASP B 233 -5.67 51.23 3.62
N PHE B 234 -5.27 49.96 3.60
CA PHE B 234 -4.59 49.31 2.48
C PHE B 234 -5.04 49.75 1.11
N GLN B 235 -6.35 49.80 0.88
CA GLN B 235 -6.89 50.25 -0.39
C GLN B 235 -6.64 51.72 -0.66
N THR B 236 -6.87 52.60 0.37
CA THR B 236 -6.65 54.05 0.23
C THR B 236 -5.17 54.35 0.03
N MET B 237 -4.29 53.77 0.87
CA MET B 237 -2.83 53.97 0.80
C MET B 237 -2.30 53.40 -0.55
N GLY B 238 -2.87 52.26 -0.96
CA GLY B 238 -2.52 51.58 -2.20
C GLY B 238 -2.72 52.45 -3.42
N GLU B 239 -3.97 52.90 -3.64
CA GLU B 239 -4.30 53.78 -4.75
C GLU B 239 -3.46 55.04 -4.77
N SER B 240 -3.20 55.65 -3.60
CA SER B 240 -2.39 56.86 -3.49
C SER B 240 -0.90 56.63 -3.86
N CYS B 241 -0.24 55.62 -3.24
CA CYS B 241 1.18 55.31 -3.52
C CYS B 241 1.42 54.84 -4.95
N LEU B 242 0.51 53.98 -5.48
CA LEU B 242 0.60 53.45 -6.83
C LEU B 242 0.64 54.59 -7.87
N THR B 243 -0.36 55.51 -7.86
CA THR B 243 -0.42 56.63 -8.80
C THR B 243 0.86 57.51 -8.82
N ARG B 244 1.61 57.55 -7.70
CA ARG B 244 2.87 58.28 -7.58
C ARG B 244 4.12 57.40 -7.79
N THR B 245 3.93 56.07 -8.00
CA THR B 245 5.06 55.17 -8.22
C THR B 245 5.48 55.31 -9.68
N PRO B 246 6.73 55.75 -9.95
CA PRO B 246 7.14 55.94 -11.34
C PRO B 246 7.30 54.62 -12.08
N GLY B 247 6.69 54.58 -13.24
CA GLY B 247 6.76 53.46 -14.16
C GLY B 247 5.83 52.32 -13.88
N HIS B 248 4.88 52.48 -12.93
CA HIS B 248 3.91 51.41 -12.62
C HIS B 248 2.99 51.14 -13.83
N SER B 249 2.25 50.03 -13.83
CA SER B 249 1.30 49.69 -14.88
C SER B 249 0.08 48.93 -14.37
N ARG B 250 -1.06 49.14 -15.02
CA ARG B 250 -2.32 48.43 -14.80
C ARG B 250 -2.58 47.79 -16.17
N GLY B 251 -3.17 46.62 -16.16
CA GLY B 251 -3.49 45.90 -17.39
C GLY B 251 -4.28 44.64 -17.13
N THR B 252 -4.31 43.76 -18.10
CA THR B 252 -5.05 42.51 -18.04
C THR B 252 -4.13 41.34 -18.31
N VAL B 253 -4.19 40.31 -17.44
CA VAL B 253 -3.42 39.09 -17.64
C VAL B 253 -4.48 38.00 -17.69
N GLY B 254 -4.82 37.55 -18.91
CA GLY B 254 -5.90 36.60 -19.11
C GLY B 254 -7.18 37.40 -18.95
N GLU B 255 -8.04 37.04 -17.98
CA GLU B 255 -9.27 37.80 -17.67
C GLU B 255 -9.05 38.71 -16.42
N ALA B 256 -7.93 38.52 -15.71
CA ALA B 256 -7.57 39.19 -14.46
C ALA B 256 -7.01 40.59 -14.58
N ALA B 257 -7.55 41.51 -13.72
CA ALA B 257 -7.09 42.88 -13.56
C ALA B 257 -5.78 42.70 -12.84
N ALA B 258 -4.72 43.29 -13.39
CA ALA B 258 -3.36 43.19 -12.85
C ALA B 258 -2.72 44.54 -12.60
N VAL B 259 -1.87 44.60 -11.59
CA VAL B 259 -1.14 45.81 -11.20
C VAL B 259 0.31 45.37 -11.06
N LEU B 260 1.21 46.13 -11.65
CA LEU B 260 2.64 45.87 -11.55
C LEU B 260 3.32 47.16 -11.13
N TYR B 261 4.18 47.07 -10.10
CA TYR B 261 4.89 48.26 -9.59
C TYR B 261 6.30 47.97 -9.04
N GLY B 262 7.14 49.02 -8.98
CA GLY B 262 8.48 48.95 -8.39
C GLY B 262 8.34 48.97 -6.88
N GLN B 263 8.85 47.92 -6.20
CA GLN B 263 8.67 47.77 -4.75
C GLN B 263 9.38 48.84 -3.95
N ARG B 264 10.66 49.18 -4.29
CA ARG B 264 11.43 50.20 -3.59
C ARG B 264 10.70 51.53 -3.52
N ALA B 265 10.35 52.12 -4.68
CA ALA B 265 9.64 53.40 -4.76
C ALA B 265 8.31 53.33 -4.03
N PHE B 266 7.54 52.26 -4.25
CA PHE B 266 6.21 52.11 -3.60
C PHE B 266 6.30 52.00 -2.08
N VAL B 267 7.20 51.13 -1.56
CA VAL B 267 7.37 50.95 -0.11
C VAL B 267 7.76 52.31 0.49
N ASP B 268 8.72 53.07 -0.15
CA ASP B 268 9.11 54.41 0.30
C ASP B 268 7.91 55.36 0.33
N LEU B 269 7.03 55.32 -0.68
CA LEU B 269 5.83 56.18 -0.66
C LEU B 269 4.88 55.77 0.46
N ALA B 270 4.82 54.46 0.77
CA ALA B 270 3.97 53.89 1.80
C ALA B 270 4.33 54.42 3.15
N CYS B 271 5.64 54.52 3.47
CA CYS B 271 6.16 55.08 4.73
C CYS B 271 5.72 56.53 4.90
N GLU B 272 5.85 57.33 3.84
CA GLU B 272 5.45 58.73 3.81
C GLU B 272 3.94 58.84 3.95
N TRP B 273 3.18 57.90 3.33
CA TRP B 273 1.72 57.92 3.43
C TRP B 273 1.24 57.69 4.86
N MET B 274 1.87 56.71 5.58
CA MET B 274 1.51 56.38 6.96
C MET B 274 1.80 57.54 7.93
N THR B 275 2.98 58.20 7.80
CA THR B 275 3.38 59.34 8.62
C THR B 275 2.45 60.52 8.46
N ALA B 276 1.87 60.68 7.25
CA ALA B 276 0.98 61.79 6.97
C ALA B 276 -0.48 61.50 7.25
N HIS B 277 -0.92 60.22 7.13
CA HIS B 277 -2.35 59.90 7.24
C HIS B 277 -2.76 58.90 8.27
N ARG B 278 -1.81 58.24 8.90
CA ARG B 278 -2.22 57.31 9.95
C ARG B 278 -2.18 58.06 11.28
N ASP B 279 -3.22 57.89 12.09
CA ASP B 279 -3.32 58.41 13.45
C ASP B 279 -4.18 57.42 14.22
N LEU B 280 -3.52 56.41 14.81
CA LEU B 280 -4.24 55.36 15.53
C LEU B 280 -4.48 55.74 16.99
N ALA B 281 -5.75 55.67 17.43
CA ALA B 281 -6.21 56.01 18.78
C ALA B 281 -5.51 55.22 19.89
N ARG C 19 -17.21 -27.48 21.47
CA ARG C 19 -15.83 -27.54 21.97
C ARG C 19 -15.05 -28.68 21.33
N GLU C 20 -13.74 -28.48 21.09
CA GLU C 20 -12.94 -29.56 20.53
C GLU C 20 -12.02 -30.22 21.56
N LEU C 21 -11.71 -31.51 21.36
CA LEU C 21 -10.84 -32.25 22.27
C LEU C 21 -9.40 -31.84 22.00
N VAL C 22 -8.67 -31.50 23.07
CA VAL C 22 -7.27 -31.09 22.98
C VAL C 22 -6.47 -31.91 23.99
N THR C 23 -5.23 -32.24 23.63
CA THR C 23 -4.36 -33.08 24.44
C THR C 23 -3.07 -32.40 24.80
N ARG C 24 -2.37 -32.93 25.83
CA ARG C 24 -1.06 -32.47 26.30
C ARG C 24 -0.15 -32.27 25.08
N ASP C 25 0.00 -33.32 24.22
CA ASP C 25 0.84 -33.29 23.02
C ASP C 25 0.44 -32.27 21.96
N ARG C 26 -0.86 -32.07 21.71
CA ARG C 26 -1.32 -31.09 20.74
C ARG C 26 -1.04 -29.66 21.29
N LEU C 27 -1.29 -29.45 22.60
CA LEU C 27 -1.02 -28.19 23.29
C LEU C 27 0.50 -27.92 23.23
N ALA C 28 1.33 -28.94 23.49
CA ALA C 28 2.80 -28.72 23.40
C ALA C 28 3.25 -28.46 21.94
N SER C 29 2.57 -29.09 20.95
CA SER C 29 2.85 -28.92 19.52
C SER C 29 2.52 -27.50 19.09
N ASP C 30 1.28 -27.04 19.38
CA ASP C 30 0.78 -25.69 19.11
C ASP C 30 1.66 -24.62 19.77
N LEU C 31 2.16 -24.87 20.98
CA LEU C 31 3.03 -23.89 21.65
C LEU C 31 4.37 -23.76 20.93
N ALA C 32 4.89 -24.88 20.40
CA ALA C 32 6.16 -24.93 19.67
C ALA C 32 6.04 -24.14 18.37
N ALA C 33 4.89 -24.29 17.69
CA ALA C 33 4.54 -23.62 16.43
C ALA C 33 4.38 -22.11 16.62
N LEU C 34 3.89 -21.70 17.81
CA LEU C 34 3.69 -20.30 18.15
C LEU C 34 5.04 -19.59 18.25
N GLY C 35 6.09 -20.33 18.62
CA GLY C 35 7.43 -19.81 18.75
C GLY C 35 8.02 -20.02 20.12
N VAL C 36 7.30 -20.75 21.02
CA VAL C 36 7.81 -21.01 22.38
C VAL C 36 9.21 -21.61 22.32
N ARG C 37 10.14 -20.85 22.91
CA ARG C 37 11.57 -21.11 22.93
C ARG C 37 11.96 -22.16 23.98
N PRO C 38 12.40 -23.38 23.57
CA PRO C 38 12.89 -24.34 24.56
C PRO C 38 14.12 -23.72 25.24
N GLY C 39 14.18 -23.85 26.56
CA GLY C 39 15.25 -23.26 27.34
C GLY C 39 15.04 -21.78 27.60
N GLY C 40 13.84 -21.28 27.29
CA GLY C 40 13.50 -19.89 27.51
C GLY C 40 12.73 -19.65 28.79
N VAL C 41 12.63 -18.39 29.20
CA VAL C 41 11.89 -17.96 30.38
C VAL C 41 10.50 -17.53 29.86
N LEU C 42 9.43 -18.11 30.42
CA LEU C 42 8.09 -17.78 29.97
C LEU C 42 7.13 -17.46 31.10
N LEU C 43 6.60 -16.22 31.11
CA LEU C 43 5.58 -15.77 32.04
C LEU C 43 4.26 -16.06 31.36
N VAL C 44 3.38 -16.84 32.02
CA VAL C 44 2.14 -17.33 31.44
C VAL C 44 0.89 -16.78 32.07
N HIS C 45 -0.04 -16.29 31.23
CA HIS C 45 -1.35 -15.83 31.68
C HIS C 45 -2.27 -16.73 30.90
N ALA C 46 -2.95 -17.63 31.60
CA ALA C 46 -3.75 -18.64 30.91
C ALA C 46 -5.20 -18.78 31.30
N SER C 47 -6.01 -19.23 30.33
CA SER C 47 -7.41 -19.56 30.49
C SER C 47 -7.59 -21.04 30.13
N LEU C 48 -8.12 -21.86 31.07
CA LEU C 48 -8.37 -23.27 30.80
C LEU C 48 -9.52 -23.44 29.85
N SER C 49 -10.66 -22.77 30.11
CA SER C 49 -11.85 -22.94 29.26
C SER C 49 -11.68 -22.52 27.81
N ALA C 50 -10.74 -21.59 27.56
CA ALA C 50 -10.50 -21.05 26.23
C ALA C 50 -9.87 -22.06 25.29
N LEU C 51 -9.09 -23.00 25.86
CA LEU C 51 -8.33 -24.06 25.17
C LEU C 51 -9.21 -25.07 24.41
N GLY C 52 -10.48 -25.18 24.80
CA GLY C 52 -11.43 -26.14 24.24
C GLY C 52 -11.72 -27.14 25.34
N TRP C 53 -11.71 -28.46 25.04
CA TRP C 53 -11.87 -29.44 26.14
C TRP C 53 -10.56 -30.17 26.29
N VAL C 54 -9.86 -29.93 27.39
CA VAL C 54 -8.54 -30.49 27.68
C VAL C 54 -8.61 -31.82 28.37
N CYS C 55 -8.04 -32.87 27.72
CA CYS C 55 -7.94 -34.20 28.27
C CYS C 55 -6.85 -34.13 29.31
N GLY C 56 -7.26 -34.11 30.57
CA GLY C 56 -6.36 -33.95 31.70
C GLY C 56 -6.47 -32.61 32.40
N GLY C 57 -7.37 -31.74 31.91
CA GLY C 57 -7.61 -30.43 32.53
C GLY C 57 -6.38 -29.57 32.70
N ALA C 58 -6.24 -28.91 33.87
CA ALA C 58 -5.15 -27.99 34.16
C ALA C 58 -3.84 -28.73 34.26
N GLN C 59 -3.89 -29.99 34.75
CA GLN C 59 -2.68 -30.84 34.82
C GLN C 59 -2.07 -31.01 33.43
N ALA C 60 -2.86 -31.33 32.40
CA ALA C 60 -2.36 -31.47 31.03
C ALA C 60 -1.79 -30.15 30.48
N VAL C 61 -2.43 -28.99 30.78
CA VAL C 61 -1.91 -27.67 30.37
C VAL C 61 -0.52 -27.40 30.99
N VAL C 62 -0.36 -27.68 32.31
CA VAL C 62 0.92 -27.48 33.02
C VAL C 62 2.01 -28.37 32.38
N LEU C 63 1.70 -29.65 32.15
CA LEU C 63 2.67 -30.57 31.53
C LEU C 63 3.05 -30.13 30.11
N ALA C 64 2.07 -29.66 29.34
CA ALA C 64 2.31 -29.13 27.99
C ALA C 64 3.27 -27.93 28.02
N LEU C 65 3.07 -26.99 28.98
CA LEU C 65 3.92 -25.81 29.15
C LEU C 65 5.34 -26.23 29.55
N GLN C 66 5.46 -27.22 30.47
CA GLN C 66 6.77 -27.79 30.89
C GLN C 66 7.45 -28.49 29.73
N ASP C 67 6.69 -29.20 28.86
CA ASP C 67 7.27 -29.86 27.66
C ASP C 67 7.87 -28.82 26.70
N ALA C 68 7.15 -27.71 26.45
CA ALA C 68 7.51 -26.62 25.54
C ALA C 68 8.81 -25.89 25.89
N VAL C 69 9.04 -25.57 27.17
CA VAL C 69 10.25 -24.88 27.59
C VAL C 69 11.38 -25.83 27.93
N GLY C 70 11.03 -27.03 28.40
CA GLY C 70 12.00 -28.03 28.85
C GLY C 70 12.51 -27.73 30.24
N LYS C 71 13.38 -28.61 30.79
CA LYS C 71 14.00 -28.49 32.12
C LYS C 71 14.90 -27.24 32.20
N GLU C 72 15.59 -26.92 31.07
CA GLU C 72 16.45 -25.74 30.87
C GLU C 72 15.64 -24.43 30.80
N GLY C 73 14.34 -24.54 30.54
CA GLY C 73 13.44 -23.39 30.50
C GLY C 73 12.95 -23.01 31.88
N THR C 74 12.08 -22.00 31.94
CA THR C 74 11.50 -21.49 33.18
C THR C 74 10.08 -21.05 32.91
N LEU C 75 9.14 -21.53 33.73
CA LEU C 75 7.76 -21.09 33.65
C LEU C 75 7.51 -20.20 34.84
N VAL C 76 6.74 -19.14 34.65
CA VAL C 76 6.41 -18.19 35.70
C VAL C 76 4.94 -17.86 35.57
N MET C 77 4.20 -17.81 36.67
CA MET C 77 2.78 -17.46 36.62
C MET C 77 2.37 -16.60 37.82
N PRO C 78 1.47 -15.61 37.67
CA PRO C 78 0.98 -14.90 38.86
C PRO C 78 0.17 -15.84 39.79
N THR C 79 0.47 -15.79 41.10
CA THR C 79 -0.21 -16.61 42.11
C THR C 79 -0.76 -15.69 43.23
N PHE C 80 -1.43 -14.61 42.82
CA PHE C 80 -1.95 -13.59 43.72
C PHE C 80 -2.96 -14.14 44.71
N SER C 81 -2.98 -13.57 45.93
CA SER C 81 -3.90 -13.89 47.03
C SER C 81 -4.29 -12.56 47.65
N GLY C 82 -5.03 -11.75 46.87
CA GLY C 82 -5.48 -10.41 47.27
C GLY C 82 -6.41 -10.35 48.45
N ASP C 83 -6.83 -11.50 48.97
CA ASP C 83 -7.70 -11.64 50.14
C ASP C 83 -6.94 -11.31 51.39
N LEU C 84 -5.62 -11.35 51.31
CA LEU C 84 -4.69 -11.08 52.39
C LEU C 84 -4.44 -9.60 52.40
N SER C 85 -5.53 -8.85 52.62
CA SER C 85 -5.61 -7.41 52.58
C SER C 85 -6.57 -6.94 53.66
N ASP C 86 -6.53 -5.66 54.00
CA ASP C 86 -7.38 -5.09 55.06
C ASP C 86 -8.85 -5.33 54.73
N PRO C 87 -9.72 -5.80 55.68
CA PRO C 87 -11.12 -6.10 55.31
C PRO C 87 -12.03 -4.95 54.97
N SER C 88 -11.58 -3.69 55.21
CA SER C 88 -12.35 -2.47 54.87
C SER C 88 -12.49 -2.35 53.37
N THR C 89 -11.50 -2.89 52.62
CA THR C 89 -11.46 -2.89 51.17
C THR C 89 -12.24 -4.05 50.53
N TRP C 90 -12.72 -5.05 51.32
CA TRP C 90 -13.43 -6.19 50.73
C TRP C 90 -14.78 -5.76 50.20
N ARG C 91 -14.98 -5.93 48.88
CA ARG C 91 -16.17 -5.48 48.18
C ARG C 91 -17.01 -6.55 47.50
N ARG C 92 -16.36 -7.63 46.97
CA ARG C 92 -17.06 -8.73 46.29
C ARG C 92 -17.80 -9.40 47.45
N PRO C 93 -17.30 -10.37 48.25
CA PRO C 93 -18.04 -10.68 49.48
C PRO C 93 -17.61 -9.62 50.55
N PRO C 94 -18.39 -8.53 50.86
CA PRO C 94 -17.93 -7.63 51.94
C PRO C 94 -18.30 -8.26 53.29
N VAL C 95 -17.64 -7.87 54.39
CA VAL C 95 -17.92 -8.46 55.72
C VAL C 95 -18.36 -7.38 56.72
N PRO C 96 -19.15 -7.73 57.80
CA PRO C 96 -19.58 -6.70 58.76
C PRO C 96 -18.46 -5.88 59.38
N GLU C 97 -18.73 -4.60 59.63
CA GLU C 97 -17.77 -3.67 60.20
C GLU C 97 -17.24 -4.06 61.59
N ASP C 98 -18.10 -4.65 62.45
CA ASP C 98 -17.70 -5.09 63.79
C ASP C 98 -16.63 -6.18 63.74
N TRP C 99 -16.52 -6.86 62.61
CA TRP C 99 -15.59 -7.98 62.43
C TRP C 99 -14.19 -7.52 62.05
N TRP C 100 -14.05 -6.31 61.45
CA TRP C 100 -12.72 -5.83 61.00
C TRP C 100 -11.66 -5.90 62.04
N PRO C 101 -11.85 -5.39 63.29
CA PRO C 101 -10.78 -5.51 64.29
C PRO C 101 -10.31 -6.95 64.53
N VAL C 102 -11.25 -7.91 64.71
CA VAL C 102 -10.86 -9.33 64.94
C VAL C 102 -10.18 -9.94 63.71
N ILE C 103 -10.66 -9.57 62.50
CA ILE C 103 -10.04 -10.01 61.23
C ILE C 103 -8.60 -9.53 61.15
N ARG C 104 -8.36 -8.23 61.48
CA ARG C 104 -7.02 -7.65 61.44
C ARG C 104 -6.05 -8.32 62.39
N GLU C 105 -6.50 -8.68 63.60
CA GLU C 105 -5.64 -9.37 64.58
C GLU C 105 -5.50 -10.85 64.32
N GLN C 106 -6.57 -11.50 63.89
CA GLN C 106 -6.56 -12.97 63.74
C GLN C 106 -6.28 -13.57 62.36
N MET C 107 -6.09 -12.72 61.29
CA MET C 107 -5.79 -13.22 59.95
C MET C 107 -4.52 -14.08 59.97
N PRO C 108 -4.51 -15.32 59.42
CA PRO C 108 -3.27 -16.10 59.41
C PRO C 108 -2.27 -15.54 58.40
N PRO C 109 -0.94 -15.62 58.64
CA PRO C 109 0.00 -15.05 57.67
C PRO C 109 0.07 -15.83 56.36
N PHE C 110 0.59 -15.17 55.30
CA PHE C 110 0.74 -15.78 54.00
C PHE C 110 1.65 -17.00 54.14
N ASP C 111 1.30 -18.11 53.51
CA ASP C 111 2.12 -19.33 53.50
C ASP C 111 2.22 -19.74 52.04
N PRO C 112 3.42 -19.76 51.40
CA PRO C 112 3.47 -20.05 49.95
C PRO C 112 2.87 -21.40 49.58
N ASP C 113 2.95 -22.39 50.49
CA ASP C 113 2.41 -23.73 50.28
C ASP C 113 0.92 -23.79 50.51
N LEU C 114 0.41 -23.09 51.51
CA LEU C 114 -0.97 -23.19 51.98
C LEU C 114 -1.93 -22.14 51.46
N THR C 115 -1.48 -20.87 51.31
CA THR C 115 -2.36 -19.79 50.84
C THR C 115 -2.86 -20.03 49.39
N PRO C 116 -4.19 -20.10 49.17
CA PRO C 116 -4.68 -20.36 47.81
C PRO C 116 -4.62 -19.11 46.97
N THR C 117 -4.69 -19.24 45.64
CA THR C 117 -4.74 -18.06 44.76
C THR C 117 -6.21 -17.62 44.65
N ARG C 118 -6.46 -16.40 44.16
CA ARG C 118 -7.79 -15.86 43.96
C ARG C 118 -7.77 -15.11 42.63
N GLY C 119 -8.60 -15.53 41.69
CA GLY C 119 -8.74 -14.92 40.37
C GLY C 119 -7.62 -15.22 39.39
N MET C 120 -6.73 -16.18 39.72
CA MET C 120 -5.53 -16.51 38.92
C MET C 120 -5.73 -17.62 37.90
N GLY C 121 -6.84 -18.35 38.03
CA GLY C 121 -7.21 -19.44 37.13
C GLY C 121 -6.77 -20.82 37.59
N ALA C 122 -7.38 -21.84 36.96
CA ALA C 122 -7.12 -23.26 37.26
C ALA C 122 -5.68 -23.68 36.93
N VAL C 123 -5.08 -23.14 35.86
CA VAL C 123 -3.69 -23.52 35.49
C VAL C 123 -2.70 -23.05 36.53
N ALA C 124 -2.74 -21.76 36.91
CA ALA C 124 -1.88 -21.22 37.96
C ALA C 124 -2.10 -21.94 39.31
N GLU C 125 -3.37 -22.24 39.67
CA GLU C 125 -3.66 -22.94 40.92
C GLU C 125 -3.08 -24.37 40.89
N CYS C 126 -3.08 -25.03 39.70
CA CYS C 126 -2.48 -26.35 39.52
C CYS C 126 -0.96 -26.21 39.52
N PHE C 127 -0.44 -25.24 38.77
CA PHE C 127 0.99 -24.99 38.65
C PHE C 127 1.75 -24.70 39.94
N ARG C 128 1.21 -23.84 40.84
CA ARG C 128 1.89 -23.42 42.11
C ARG C 128 2.38 -24.58 43.01
N ARG C 129 1.79 -25.77 42.84
CA ARG C 129 2.07 -26.95 43.65
C ARG C 129 2.83 -28.07 42.88
N ALA C 130 3.26 -27.83 41.63
CA ALA C 130 4.03 -28.79 40.86
C ALA C 130 5.33 -29.13 41.59
N ALA C 131 5.88 -30.35 41.33
CA ALA C 131 7.16 -30.78 41.88
C ALA C 131 8.23 -29.83 41.28
N GLY C 132 9.06 -29.26 42.13
CA GLY C 132 10.09 -28.33 41.68
C GLY C 132 9.63 -26.88 41.65
N ALA C 133 8.29 -26.63 41.73
CA ALA C 133 7.75 -25.27 41.71
C ALA C 133 8.03 -24.56 43.01
N VAL C 134 8.37 -23.28 42.92
CA VAL C 134 8.67 -22.40 44.08
C VAL C 134 7.86 -21.12 43.91
N ARG C 135 7.40 -20.53 45.02
CA ARG C 135 6.54 -19.35 45.04
C ARG C 135 7.23 -18.22 45.82
N SER C 136 7.07 -16.95 45.35
CA SER C 136 7.65 -15.73 45.93
C SER C 136 6.94 -15.36 47.21
N GLY C 137 7.53 -14.44 47.99
CA GLY C 137 7.09 -14.08 49.33
C GLY C 137 6.08 -12.97 49.55
N HIS C 138 5.66 -12.25 48.47
CA HIS C 138 4.69 -11.18 48.67
C HIS C 138 3.36 -11.76 49.07
N PRO C 139 2.76 -11.23 50.16
CA PRO C 139 1.48 -11.80 50.65
C PRO C 139 0.24 -11.59 49.80
N GLN C 140 0.32 -10.70 48.82
CA GLN C 140 -0.81 -10.39 47.98
C GLN C 140 -0.58 -10.71 46.54
N ASN C 141 0.66 -10.48 46.03
CA ASN C 141 1.06 -10.53 44.63
C ASN C 141 2.18 -11.48 44.34
N SER C 142 2.19 -12.64 44.98
CA SER C 142 3.24 -13.61 44.75
C SER C 142 3.10 -14.20 43.34
N PHE C 143 4.17 -14.80 42.86
CA PHE C 143 4.24 -15.55 41.62
C PHE C 143 4.87 -16.90 41.96
N ALA C 144 4.64 -17.91 41.11
CA ALA C 144 5.26 -19.22 41.20
C ALA C 144 6.16 -19.43 39.98
N ALA C 145 7.25 -20.16 40.17
CA ALA C 145 8.13 -20.47 39.06
C ALA C 145 8.56 -21.90 39.13
N TRP C 146 8.90 -22.48 37.97
CA TRP C 146 9.35 -23.85 37.83
C TRP C 146 10.44 -23.80 36.76
N GLY C 147 11.52 -24.54 37.00
CA GLY C 147 12.60 -24.62 36.03
C GLY C 147 13.94 -24.08 36.44
N ALA C 148 14.85 -23.94 35.45
CA ALA C 148 16.26 -23.54 35.54
C ALA C 148 16.56 -22.33 36.42
N HIS C 149 15.83 -21.22 36.19
CA HIS C 149 15.97 -19.95 36.92
C HIS C 149 14.76 -19.65 37.81
N ALA C 150 14.02 -20.72 38.23
CA ALA C 150 12.86 -20.58 39.10
C ALA C 150 13.17 -19.91 40.42
N GLU C 151 14.29 -20.29 41.06
CA GLU C 151 14.65 -19.69 42.34
C GLU C 151 15.07 -18.22 42.22
N GLN C 152 15.73 -17.82 41.11
CA GLN C 152 16.10 -16.42 40.89
C GLN C 152 14.85 -15.51 40.74
N VAL C 153 13.84 -15.98 39.97
CA VAL C 153 12.58 -15.26 39.72
C VAL C 153 11.80 -14.94 41.02
N VAL C 154 11.63 -15.95 41.87
CA VAL C 154 10.85 -15.81 43.10
C VAL C 154 11.58 -15.23 44.31
N ALA C 155 12.93 -15.30 44.36
CA ALA C 155 13.71 -14.82 45.50
C ALA C 155 13.60 -13.32 45.72
N GLU C 156 13.55 -12.91 46.99
CA GLU C 156 13.54 -11.51 47.42
C GLU C 156 12.47 -10.63 46.73
N HIS C 157 11.18 -10.99 46.87
CA HIS C 157 10.08 -10.21 46.31
C HIS C 157 9.80 -9.09 47.33
N GLY C 158 10.35 -7.92 47.07
CA GLY C 158 10.22 -6.76 47.96
C GLY C 158 8.83 -6.16 48.03
N LEU C 159 8.56 -5.44 49.12
CA LEU C 159 7.28 -4.78 49.36
C LEU C 159 7.11 -3.41 48.67
N THR C 160 8.22 -2.71 48.39
CA THR C 160 8.26 -1.35 47.82
C THR C 160 7.47 -1.22 46.51
N GLU C 161 7.77 -2.12 45.58
CA GLU C 161 7.13 -2.18 44.27
C GLU C 161 6.69 -3.62 44.10
N ARG C 162 5.48 -3.92 44.64
CA ARG C 162 4.98 -5.30 44.63
C ARG C 162 4.91 -5.97 43.25
N LEU C 163 4.82 -5.13 42.18
CA LEU C 163 4.72 -5.52 40.79
C LEU C 163 5.64 -4.66 39.90
N GLY C 164 6.82 -4.30 40.45
CA GLY C 164 7.83 -3.50 39.75
C GLY C 164 9.25 -3.94 40.06
N ARG C 165 10.15 -2.98 40.34
CA ARG C 165 11.56 -3.27 40.71
C ARG C 165 11.55 -4.11 42.01
N GLY C 166 12.30 -5.21 42.03
CA GLY C 166 12.34 -6.09 43.18
C GLY C 166 11.18 -7.08 43.26
N SER C 167 10.50 -7.36 42.12
CA SER C 167 9.41 -8.32 42.07
C SER C 167 9.74 -9.36 40.99
N PRO C 168 9.02 -10.52 40.90
CA PRO C 168 9.31 -11.48 39.82
C PRO C 168 9.21 -10.90 38.41
N LEU C 169 8.37 -9.87 38.20
CA LEU C 169 8.23 -9.22 36.87
C LEU C 169 9.57 -8.66 36.37
N GLU C 170 10.34 -8.02 37.27
CA GLU C 170 11.67 -7.48 37.02
C GLU C 170 12.66 -8.59 36.65
N GLN C 171 12.53 -9.78 37.29
CA GLN C 171 13.39 -10.93 36.99
C GLN C 171 13.14 -11.50 35.61
N VAL C 172 11.87 -11.54 35.19
CA VAL C 172 11.47 -11.99 33.84
C VAL C 172 12.09 -10.99 32.79
N TYR C 173 12.20 -9.71 33.18
CA TYR C 173 12.80 -8.63 32.38
C TYR C 173 14.33 -8.86 32.28
N ARG C 174 15.01 -9.06 33.41
CA ARG C 174 16.45 -9.30 33.47
C ARG C 174 16.87 -10.56 32.72
N LEU C 175 16.03 -11.60 32.74
CA LEU C 175 16.30 -12.88 32.10
C LEU C 175 15.95 -12.90 30.63
N ASP C 176 15.54 -11.74 30.08
CA ASP C 176 15.17 -11.55 28.67
C ASP C 176 14.05 -12.53 28.29
N GLY C 177 13.05 -12.61 29.17
CA GLY C 177 11.94 -13.54 29.07
C GLY C 177 10.88 -13.16 28.07
N GLN C 178 10.00 -14.11 27.83
CA GLN C 178 8.87 -13.92 26.93
C GLN C 178 7.63 -13.95 27.80
N VAL C 179 6.51 -13.45 27.27
CA VAL C 179 5.20 -13.43 27.92
C VAL C 179 4.24 -14.19 27.00
N LEU C 180 3.42 -15.07 27.56
CA LEU C 180 2.45 -15.82 26.78
C LEU C 180 1.07 -15.51 27.26
N LEU C 181 0.22 -15.04 26.36
CA LEU C 181 -1.19 -14.81 26.68
C LEU C 181 -1.95 -15.99 26.04
N LEU C 182 -2.58 -16.85 26.86
CA LEU C 182 -3.25 -18.08 26.41
C LEU C 182 -4.76 -18.05 26.65
N GLY C 183 -5.52 -17.60 25.66
CA GLY C 183 -6.98 -17.51 25.79
C GLY C 183 -7.44 -16.36 26.69
N CYS C 184 -6.54 -15.45 26.98
CA CYS C 184 -6.82 -14.23 27.70
C CYS C 184 -6.10 -13.09 26.94
N GLY C 185 -6.53 -11.87 27.18
CA GLY C 185 -6.00 -10.72 26.47
C GLY C 185 -5.20 -9.80 27.36
N PHE C 186 -5.08 -8.55 26.91
CA PHE C 186 -4.30 -7.52 27.58
C PHE C 186 -4.73 -7.13 28.97
N GLU C 187 -6.00 -7.41 29.29
CA GLU C 187 -6.60 -7.21 30.61
C GLU C 187 -5.87 -7.99 31.71
N SER C 188 -5.15 -9.09 31.36
CA SER C 188 -4.37 -9.94 32.30
C SER C 188 -2.86 -9.81 32.11
N ASN C 189 -2.45 -8.79 31.39
CA ASN C 189 -1.05 -8.54 31.10
C ASN C 189 -0.35 -7.79 32.26
N THR C 190 0.02 -8.53 33.32
CA THR C 190 0.68 -8.04 34.54
C THR C 190 1.98 -7.25 34.29
N SER C 191 2.72 -7.59 33.21
CA SER C 191 3.98 -6.89 32.88
C SER C 191 3.76 -5.39 32.68
N PHE C 192 2.51 -4.94 32.43
CA PHE C 192 2.20 -3.51 32.31
C PHE C 192 2.49 -2.78 33.61
N HIS C 193 2.30 -3.44 34.79
CA HIS C 193 2.56 -2.79 36.08
C HIS C 193 4.02 -2.43 36.26
N LEU C 194 4.97 -3.23 35.72
CA LEU C 194 6.40 -2.93 35.79
C LEU C 194 6.70 -1.61 35.04
N ALA C 195 6.01 -1.38 33.92
CA ALA C 195 6.07 -0.15 33.14
C ALA C 195 5.47 1.00 33.99
N GLU C 196 4.30 0.79 34.68
CA GLU C 196 3.69 1.81 35.56
C GLU C 196 4.63 2.29 36.69
N TYR C 197 5.35 1.34 37.32
CA TYR C 197 6.29 1.66 38.38
C TYR C 197 7.49 2.47 37.84
N ARG C 198 8.04 2.08 36.68
CA ARG C 198 9.20 2.76 36.06
C ARG C 198 8.84 4.12 35.40
N THR C 199 7.55 4.47 35.24
CA THR C 199 7.15 5.67 34.48
C THR C 199 6.27 6.62 35.25
N ALA C 200 6.83 7.79 35.65
CA ALA C 200 6.08 8.84 36.33
C ALA C 200 5.28 9.62 35.25
N TYR C 201 4.34 8.94 34.59
CA TYR C 201 3.53 9.51 33.52
C TYR C 201 2.62 10.65 34.02
N PRO C 202 2.12 11.54 33.13
CA PRO C 202 1.26 12.62 33.59
C PRO C 202 0.02 12.16 34.34
N GLY C 203 -0.10 12.65 35.57
CA GLY C 203 -1.25 12.40 36.42
C GLY C 203 -1.22 11.08 37.18
N ARG C 204 -0.07 10.35 37.14
CA ARG C 204 0.13 9.10 37.86
C ARG C 204 -0.13 9.35 39.35
N ARG C 205 -1.06 8.59 39.96
CA ARG C 205 -1.37 8.82 41.37
C ARG C 205 -0.75 7.84 42.31
N SER C 206 -0.73 8.22 43.62
CA SER C 206 -0.22 7.41 44.71
C SER C 206 -1.29 7.29 45.78
N HIS C 207 -1.07 6.38 46.74
CA HIS C 207 -2.01 6.16 47.84
C HIS C 207 -1.32 5.37 48.92
N ARG C 208 -2.01 5.16 50.04
CA ARG C 208 -1.49 4.39 51.17
C ARG C 208 -2.33 3.14 51.34
N ARG C 209 -1.64 2.00 51.33
CA ARG C 209 -2.22 0.67 51.44
C ARG C 209 -1.68 -0.08 52.62
N ARG C 210 -2.46 -1.04 53.11
CA ARG C 210 -2.06 -1.95 54.18
C ARG C 210 -1.65 -3.30 53.61
N VAL C 211 -0.49 -3.79 54.05
CA VAL C 211 0.03 -5.08 53.65
C VAL C 211 0.26 -5.91 54.95
N PRO C 212 -0.38 -7.08 55.08
CA PRO C 212 -0.13 -7.91 56.29
C PRO C 212 1.17 -8.73 56.12
N VAL C 213 2.25 -8.35 56.82
CA VAL C 213 3.56 -9.03 56.74
C VAL C 213 3.64 -10.24 57.76
N PRO C 214 4.13 -11.45 57.36
CA PRO C 214 4.18 -12.57 58.34
C PRO C 214 5.05 -12.27 59.58
N GLU C 215 4.43 -12.40 60.78
CA GLU C 215 5.08 -12.19 62.08
C GLU C 215 4.73 -13.43 62.93
N GLY C 216 5.57 -14.46 62.80
CA GLY C 216 5.34 -15.75 63.45
C GLY C 216 4.06 -16.37 62.93
N ASP C 217 3.08 -16.58 63.83
CA ASP C 217 1.78 -17.13 63.49
C ASP C 217 0.73 -16.03 63.41
N ARG C 218 1.20 -14.77 63.30
CA ARG C 218 0.35 -13.57 63.17
C ARG C 218 0.81 -12.70 62.00
N VAL C 219 0.02 -11.68 61.70
CA VAL C 219 0.39 -10.67 60.69
C VAL C 219 0.72 -9.35 61.40
N ARG C 220 1.71 -8.63 60.90
CA ARG C 220 2.09 -7.29 61.34
C ARG C 220 1.67 -6.40 60.17
N TRP C 221 0.64 -5.56 60.35
CA TRP C 221 0.15 -4.68 59.29
C TRP C 221 1.12 -3.56 58.98
N VAL C 222 1.54 -3.48 57.70
CA VAL C 222 2.44 -2.43 57.26
C VAL C 222 1.68 -1.47 56.36
N GLU C 223 1.73 -0.16 56.69
CA GLU C 223 1.13 0.90 55.88
C GLU C 223 2.22 1.33 54.91
N GLN C 224 1.91 1.34 53.60
CA GLN C 224 2.92 1.72 52.63
C GLN C 224 2.38 2.50 51.48
N GLU C 225 3.23 3.39 50.96
CA GLU C 225 2.93 4.19 49.80
C GLU C 225 3.11 3.34 48.55
N ASP C 226 2.13 3.44 47.68
CA ASP C 226 2.17 2.73 46.41
C ASP C 226 1.54 3.61 45.33
N ILE C 227 1.82 3.31 44.07
CA ILE C 227 1.22 4.03 42.97
C ILE C 227 -0.16 3.39 42.77
N VAL C 228 -1.12 4.14 42.20
CA VAL C 228 -2.43 3.57 41.86
C VAL C 228 -2.32 3.07 40.40
N TYR C 229 -2.73 1.83 40.16
CA TYR C 229 -2.64 1.26 38.81
C TYR C 229 -3.75 1.79 37.98
N PHE C 230 -3.48 2.08 36.72
CA PHE C 230 -4.53 2.51 35.80
C PHE C 230 -4.61 1.39 34.75
N GLU C 231 -5.79 0.83 34.56
CA GLU C 231 -5.97 -0.33 33.68
C GLU C 231 -6.87 -0.16 32.46
N GLU C 232 -7.59 0.96 32.42
CA GLU C 232 -8.58 1.24 31.38
C GLU C 232 -8.06 1.23 29.94
N ASP C 233 -6.76 1.48 29.74
CA ASP C 233 -6.12 1.56 28.42
C ASP C 233 -5.23 0.36 28.04
N PHE C 234 -5.28 -0.74 28.82
CA PHE C 234 -4.49 -1.95 28.61
C PHE C 234 -4.67 -2.55 27.21
N GLN C 235 -5.90 -2.54 26.66
CA GLN C 235 -6.11 -3.11 25.33
C GLN C 235 -5.42 -2.31 24.22
N THR C 236 -5.74 -1.00 24.08
CA THR C 236 -5.10 -0.16 23.03
C THR C 236 -3.56 -0.10 23.19
N MET C 237 -3.07 0.08 24.45
CA MET C 237 -1.64 0.11 24.74
C MET C 237 -1.03 -1.24 24.35
N GLY C 238 -1.70 -2.32 24.77
CA GLY C 238 -1.29 -3.67 24.40
C GLY C 238 -1.22 -3.90 22.91
N GLU C 239 -2.29 -3.52 22.18
CA GLU C 239 -2.32 -3.74 20.72
C GLU C 239 -1.22 -2.95 20.00
N SER C 240 -0.97 -1.72 20.48
CA SER C 240 0.01 -0.83 19.86
C SER C 240 1.42 -1.34 20.13
N CYS C 241 1.71 -1.64 21.40
CA CYS C 241 3.03 -2.14 21.81
C CYS C 241 3.30 -3.52 21.23
N LEU C 242 2.29 -4.38 21.18
CA LEU C 242 2.47 -5.71 20.59
C LEU C 242 3.06 -5.63 19.17
N THR C 243 2.38 -4.92 18.24
CA THR C 243 2.90 -4.82 16.85
C THR C 243 4.31 -4.32 16.68
N ARG C 244 4.78 -3.48 17.57
CA ARG C 244 6.11 -2.88 17.53
C ARG C 244 7.17 -3.65 18.29
N THR C 245 6.80 -4.80 18.89
CA THR C 245 7.75 -5.69 19.60
C THR C 245 8.37 -6.64 18.59
N PRO C 246 9.70 -6.52 18.31
CA PRO C 246 10.31 -7.41 17.31
C PRO C 246 10.23 -8.87 17.69
N GLY C 247 9.83 -9.68 16.72
CA GLY C 247 9.75 -11.13 16.90
C GLY C 247 8.50 -11.67 17.57
N HIS C 248 7.50 -10.83 17.88
CA HIS C 248 6.26 -11.31 18.51
C HIS C 248 5.52 -12.29 17.60
N SER C 249 4.51 -12.98 18.16
CA SER C 249 3.70 -13.92 17.40
C SER C 249 2.26 -13.99 17.89
N ARG C 250 1.39 -14.41 16.98
CA ARG C 250 -0.04 -14.61 17.19
C ARG C 250 -0.34 -15.95 16.55
N GLY C 251 -1.20 -16.71 17.19
CA GLY C 251 -1.57 -18.04 16.72
C GLY C 251 -2.56 -18.70 17.65
N THR C 252 -2.92 -19.93 17.32
CA THR C 252 -3.90 -20.73 18.06
C THR C 252 -3.18 -21.84 18.82
N VAL C 253 -3.56 -22.06 20.12
CA VAL C 253 -3.07 -23.14 20.99
C VAL C 253 -4.35 -23.84 21.45
N GLY C 254 -4.61 -25.02 20.88
CA GLY C 254 -5.90 -25.67 21.08
C GLY C 254 -6.88 -24.83 20.29
N GLU C 255 -7.97 -24.40 20.91
CA GLU C 255 -8.95 -23.51 20.29
C GLU C 255 -8.71 -22.05 20.74
N ALA C 256 -7.71 -21.82 21.61
CA ALA C 256 -7.45 -20.47 22.17
C ALA C 256 -6.59 -19.60 21.30
N ALA C 257 -6.90 -18.29 21.27
CA ALA C 257 -6.08 -17.29 20.56
C ALA C 257 -4.94 -17.01 21.54
N ALA C 258 -3.69 -17.07 21.07
CA ALA C 258 -2.51 -16.87 21.92
C ALA C 258 -1.59 -15.78 21.35
N VAL C 259 -0.92 -15.05 22.26
CA VAL C 259 0.03 -13.98 21.98
C VAL C 259 1.35 -14.37 22.65
N LEU C 260 2.46 -14.25 21.93
CA LEU C 260 3.78 -14.50 22.47
C LEU C 260 4.67 -13.29 22.15
N TYR C 261 5.27 -12.67 23.17
CA TYR C 261 6.11 -11.51 22.94
C TYR C 261 7.32 -11.44 23.87
N GLY C 262 8.41 -10.80 23.38
CA GLY C 262 9.62 -10.55 24.17
C GLY C 262 9.30 -9.50 25.22
N GLN C 263 9.42 -9.83 26.53
CA GLN C 263 9.02 -8.90 27.59
C GLN C 263 9.85 -7.63 27.68
N ARG C 264 11.19 -7.72 27.47
CA ARG C 264 12.09 -6.55 27.55
C ARG C 264 11.67 -5.44 26.61
N ALA C 265 11.56 -5.76 25.32
CA ALA C 265 11.18 -4.82 24.27
C ALA C 265 9.78 -4.29 24.51
N PHE C 266 8.81 -5.17 24.86
CA PHE C 266 7.41 -4.78 25.11
C PHE C 266 7.27 -3.83 26.32
N VAL C 267 7.85 -4.18 27.48
CA VAL C 267 7.81 -3.34 28.68
C VAL C 267 8.39 -1.92 28.36
N ASP C 268 9.58 -1.86 27.69
CA ASP C 268 10.20 -0.56 27.29
C ASP C 268 9.25 0.22 26.38
N LEU C 269 8.55 -0.45 25.42
CA LEU C 269 7.59 0.22 24.54
C LEU C 269 6.40 0.70 25.33
N ALA C 270 6.00 -0.09 26.38
CA ALA C 270 4.88 0.25 27.25
C ALA C 270 5.16 1.53 28.06
N CYS C 271 6.41 1.74 28.54
CA CYS C 271 6.85 2.95 29.27
C CYS C 271 6.68 4.17 28.33
N GLU C 272 7.24 4.08 27.10
CA GLU C 272 7.11 5.14 26.07
C GLU C 272 5.62 5.43 25.76
N TRP C 273 4.82 4.35 25.63
CA TRP C 273 3.40 4.55 25.35
C TRP C 273 2.72 5.34 26.47
N MET C 274 3.02 5.02 27.73
CA MET C 274 2.43 5.73 28.86
C MET C 274 2.83 7.20 28.89
N THR C 275 4.14 7.50 28.67
CA THR C 275 4.58 8.90 28.63
C THR C 275 3.93 9.69 27.48
N ALA C 276 3.60 9.04 26.35
CA ALA C 276 3.02 9.76 25.21
C ALA C 276 1.52 9.84 25.23
N HIS C 277 0.87 8.91 25.92
CA HIS C 277 -0.58 8.76 25.86
C HIS C 277 -1.34 8.89 27.15
N ARG C 278 -0.68 8.70 28.29
CA ARG C 278 -1.39 8.82 29.58
C ARG C 278 -1.32 10.25 30.13
N ASP C 279 -2.48 10.78 30.51
CA ASP C 279 -2.63 12.07 31.18
C ASP C 279 -3.82 11.97 32.10
N LEU C 280 -3.62 11.50 33.37
CA LEU C 280 -4.76 11.31 34.28
C LEU C 280 -5.30 12.58 34.95
N ARG D 19 -21.94 -45.34 -41.13
CA ARG D 19 -20.54 -45.64 -40.81
C ARG D 19 -19.97 -46.71 -41.72
N GLU D 20 -18.78 -46.44 -42.30
CA GLU D 20 -18.12 -47.34 -43.24
C GLU D 20 -16.86 -47.96 -42.66
N LEU D 21 -16.52 -49.19 -43.11
CA LEU D 21 -15.35 -49.93 -42.65
C LEU D 21 -14.07 -49.40 -43.31
N VAL D 22 -13.02 -49.10 -42.50
CA VAL D 22 -11.72 -48.60 -42.99
C VAL D 22 -10.58 -49.37 -42.41
N THR D 23 -9.52 -49.59 -43.20
CA THR D 23 -8.37 -50.36 -42.74
C THR D 23 -7.07 -49.55 -42.71
N ARG D 24 -6.05 -50.07 -42.05
CA ARG D 24 -4.73 -49.47 -42.00
C ARG D 24 -4.29 -49.11 -43.42
N ASP D 25 -4.38 -50.08 -44.37
CA ASP D 25 -3.97 -49.90 -45.76
C ASP D 25 -4.79 -48.82 -46.47
N ARG D 26 -6.12 -48.82 -46.28
CA ARG D 26 -7.00 -47.85 -46.91
C ARG D 26 -6.64 -46.43 -46.44
N LEU D 27 -6.49 -46.24 -45.10
CA LEU D 27 -6.11 -44.95 -44.53
C LEU D 27 -4.80 -44.49 -45.10
N ALA D 28 -3.79 -45.39 -45.13
CA ALA D 28 -2.47 -45.08 -45.66
C ALA D 28 -2.47 -44.60 -47.12
N SER D 29 -3.23 -45.28 -48.01
CA SER D 29 -3.32 -44.90 -49.42
C SER D 29 -4.06 -43.56 -49.58
N ASP D 30 -5.08 -43.31 -48.74
CA ASP D 30 -5.84 -42.06 -48.74
C ASP D 30 -4.93 -40.92 -48.29
N LEU D 31 -3.99 -41.21 -47.36
CA LEU D 31 -3.02 -40.20 -46.91
C LEU D 31 -2.03 -39.85 -48.01
N ALA D 32 -1.60 -40.86 -48.81
CA ALA D 32 -0.71 -40.68 -49.97
C ALA D 32 -1.41 -39.86 -51.09
N ALA D 33 -2.69 -40.17 -51.37
CA ALA D 33 -3.53 -39.49 -52.37
C ALA D 33 -3.74 -38.01 -51.98
N LEU D 34 -3.83 -37.74 -50.67
CA LEU D 34 -3.98 -36.39 -50.14
C LEU D 34 -2.71 -35.59 -50.40
N GLY D 35 -1.57 -36.26 -50.37
CA GLY D 35 -0.27 -35.67 -50.66
C GLY D 35 0.68 -35.65 -49.50
N VAL D 36 0.57 -36.62 -48.55
CA VAL D 36 1.47 -36.70 -47.40
C VAL D 36 2.84 -37.11 -47.89
N ARG D 37 3.85 -36.28 -47.62
CA ARG D 37 5.18 -36.57 -48.09
C ARG D 37 5.98 -37.63 -47.32
N PRO D 38 6.39 -38.75 -47.98
CA PRO D 38 7.25 -39.73 -47.30
C PRO D 38 8.58 -39.04 -47.00
N GLY D 39 9.09 -39.24 -45.79
CA GLY D 39 10.32 -38.60 -45.34
C GLY D 39 10.13 -37.21 -44.75
N GLY D 40 8.89 -36.68 -44.79
CA GLY D 40 8.56 -35.37 -44.23
C GLY D 40 8.07 -35.39 -42.77
N VAL D 41 8.04 -34.19 -42.15
CA VAL D 41 7.55 -33.92 -40.80
C VAL D 41 6.07 -33.65 -40.93
N LEU D 42 5.28 -34.30 -40.12
CA LEU D 42 3.85 -34.13 -40.21
C LEU D 42 3.29 -33.99 -38.81
N LEU D 43 2.60 -32.87 -38.55
CA LEU D 43 1.92 -32.54 -37.31
C LEU D 43 0.47 -32.92 -37.55
N VAL D 44 -0.09 -33.79 -36.70
CA VAL D 44 -1.40 -34.36 -36.89
C VAL D 44 -2.42 -33.99 -35.86
N HIS D 45 -3.60 -33.59 -36.33
CA HIS D 45 -4.71 -33.31 -35.46
C HIS D 45 -5.81 -34.25 -35.97
N ALA D 46 -6.03 -35.38 -35.25
CA ALA D 46 -6.94 -36.46 -35.65
C ALA D 46 -8.18 -36.62 -34.77
N SER D 47 -9.32 -36.99 -35.39
CA SER D 47 -10.58 -37.38 -34.77
C SER D 47 -10.85 -38.82 -35.21
N LEU D 48 -10.74 -39.83 -34.30
CA LEU D 48 -10.96 -41.26 -34.62
C LEU D 48 -12.34 -41.54 -35.16
N SER D 49 -13.39 -40.97 -34.54
CA SER D 49 -14.79 -41.15 -34.97
C SER D 49 -15.07 -40.65 -36.40
N ALA D 50 -14.49 -39.50 -36.78
CA ALA D 50 -14.68 -38.93 -38.12
C ALA D 50 -14.31 -39.90 -39.25
N LEU D 51 -13.30 -40.76 -39.02
CA LEU D 51 -12.78 -41.74 -39.98
C LEU D 51 -13.81 -42.79 -40.47
N GLY D 52 -14.83 -43.06 -39.66
CA GLY D 52 -15.87 -44.05 -39.91
C GLY D 52 -15.75 -45.16 -38.88
N TRP D 53 -15.63 -46.44 -39.34
CA TRP D 53 -15.33 -47.56 -38.46
C TRP D 53 -13.95 -48.12 -38.79
N VAL D 54 -12.97 -47.82 -37.95
CA VAL D 54 -11.58 -48.22 -38.20
C VAL D 54 -11.30 -49.59 -37.68
N CYS D 55 -10.85 -50.46 -38.58
CA CYS D 55 -10.47 -51.81 -38.25
C CYS D 55 -9.15 -51.75 -37.50
N GLY D 56 -9.21 -51.90 -36.19
CA GLY D 56 -8.01 -51.83 -35.36
C GLY D 56 -7.87 -50.54 -34.58
N GLY D 57 -8.90 -49.69 -34.67
CA GLY D 57 -9.02 -48.43 -33.92
C GLY D 57 -7.86 -47.45 -33.99
N ALA D 58 -7.57 -46.78 -32.86
CA ALA D 58 -6.50 -45.78 -32.75
C ALA D 58 -5.15 -46.38 -33.17
N GLN D 59 -4.88 -47.66 -32.80
CA GLN D 59 -3.64 -48.34 -33.19
C GLN D 59 -3.51 -48.39 -34.74
N ALA D 60 -4.63 -48.70 -35.44
CA ALA D 60 -4.62 -48.77 -36.92
C ALA D 60 -4.30 -47.38 -37.55
N VAL D 61 -4.89 -46.29 -37.01
CA VAL D 61 -4.65 -44.90 -37.47
C VAL D 61 -3.15 -44.54 -37.32
N VAL D 62 -2.55 -44.87 -36.16
CA VAL D 62 -1.14 -44.62 -35.85
C VAL D 62 -0.27 -45.32 -36.87
N LEU D 63 -0.57 -46.62 -37.13
CA LEU D 63 0.15 -47.46 -38.06
C LEU D 63 0.12 -46.88 -39.46
N ALA D 64 -1.07 -46.44 -39.92
CA ALA D 64 -1.32 -45.86 -41.24
C ALA D 64 -0.49 -44.57 -41.43
N LEU D 65 -0.41 -43.73 -40.38
CA LEU D 65 0.38 -42.50 -40.37
C LEU D 65 1.88 -42.80 -40.42
N GLN D 66 2.36 -43.79 -39.65
CA GLN D 66 3.78 -44.17 -39.69
C GLN D 66 4.12 -44.68 -41.09
N ASP D 67 3.21 -45.49 -41.71
CA ASP D 67 3.38 -46.01 -43.08
C ASP D 67 3.49 -44.85 -44.06
N ALA D 68 2.60 -43.81 -43.90
CA ALA D 68 2.55 -42.64 -44.77
C ALA D 68 3.85 -41.83 -44.79
N VAL D 69 4.44 -41.57 -43.62
CA VAL D 69 5.69 -40.80 -43.55
C VAL D 69 6.95 -41.66 -43.69
N GLY D 70 6.92 -42.88 -43.17
CA GLY D 70 8.05 -43.81 -43.22
C GLY D 70 9.07 -43.58 -42.11
N LYS D 71 10.11 -44.44 -42.06
CA LYS D 71 11.19 -44.38 -41.07
C LYS D 71 11.93 -43.02 -41.06
N GLU D 72 12.12 -42.43 -42.24
CA GLU D 72 12.82 -41.15 -42.42
C GLU D 72 11.94 -39.94 -42.06
N GLY D 73 10.62 -40.13 -42.11
CA GLY D 73 9.63 -39.11 -41.77
C GLY D 73 9.53 -38.90 -40.27
N THR D 74 8.75 -37.88 -39.86
CA THR D 74 8.53 -37.55 -38.46
C THR D 74 7.06 -37.23 -38.23
N LEU D 75 6.43 -37.90 -37.24
CA LEU D 75 5.03 -37.64 -36.84
C LEU D 75 5.11 -36.89 -35.55
N VAL D 76 4.27 -35.88 -35.41
CA VAL D 76 4.21 -34.98 -34.25
C VAL D 76 2.73 -34.83 -33.94
N MET D 77 2.36 -34.88 -32.66
CA MET D 77 0.98 -34.71 -32.19
C MET D 77 0.93 -33.98 -30.84
N PRO D 78 -0.03 -33.08 -30.62
CA PRO D 78 -0.18 -32.47 -29.29
C PRO D 78 -0.59 -33.53 -28.27
N THR D 79 0.06 -33.50 -27.08
CA THR D 79 -0.21 -34.43 -25.98
C THR D 79 -0.38 -33.62 -24.69
N PHE D 80 -1.27 -32.60 -24.76
CA PHE D 80 -1.57 -31.67 -23.66
C PHE D 80 -2.22 -32.39 -22.47
N SER D 81 -1.86 -31.93 -21.24
CA SER D 81 -2.33 -32.38 -19.91
C SER D 81 -2.67 -31.09 -19.12
N GLY D 82 -3.70 -30.38 -19.56
CA GLY D 82 -4.14 -29.14 -18.92
C GLY D 82 -4.75 -29.28 -17.55
N ASP D 83 -4.80 -30.49 -16.99
CA ASP D 83 -5.28 -30.67 -15.64
C ASP D 83 -4.09 -30.39 -14.69
N LEU D 84 -2.90 -30.15 -15.27
CA LEU D 84 -1.68 -29.82 -14.54
C LEU D 84 -1.62 -28.30 -14.50
N SER D 85 -2.70 -27.74 -13.94
CA SER D 85 -2.94 -26.34 -13.84
C SER D 85 -3.40 -26.01 -12.42
N ASP D 86 -3.49 -24.71 -12.07
CA ASP D 86 -3.94 -24.29 -10.75
C ASP D 86 -5.41 -24.69 -10.56
N PRO D 87 -5.77 -25.35 -9.43
CA PRO D 87 -7.16 -25.82 -9.27
C PRO D 87 -8.27 -24.77 -9.23
N SER D 88 -7.92 -23.48 -8.97
CA SER D 88 -8.89 -22.38 -8.98
C SER D 88 -9.50 -22.20 -10.38
N THR D 89 -8.75 -22.62 -11.43
CA THR D 89 -9.14 -22.52 -12.85
C THR D 89 -9.95 -23.75 -13.31
N TRP D 90 -10.04 -24.83 -12.48
CA TRP D 90 -10.77 -26.04 -12.88
C TRP D 90 -12.24 -25.69 -12.93
N ARG D 91 -12.79 -25.72 -14.14
CA ARG D 91 -14.15 -25.32 -14.45
C ARG D 91 -15.02 -26.42 -15.01
N ARG D 92 -14.38 -27.49 -15.58
CA ARG D 92 -15.04 -28.69 -16.14
C ARG D 92 -15.58 -29.35 -14.85
N PRO D 93 -14.99 -30.36 -14.16
CA PRO D 93 -15.52 -30.68 -12.82
C PRO D 93 -14.75 -29.77 -11.82
N PRO D 94 -15.32 -28.67 -11.27
CA PRO D 94 -14.53 -27.88 -10.30
C PRO D 94 -14.37 -28.64 -8.99
N VAL D 95 -13.31 -28.32 -8.20
CA VAL D 95 -13.06 -28.96 -6.91
C VAL D 95 -13.30 -27.98 -5.77
N PRO D 96 -13.74 -28.44 -4.55
CA PRO D 96 -13.97 -27.50 -3.44
C PRO D 96 -12.79 -26.58 -3.16
N GLU D 97 -13.07 -25.27 -2.99
CA GLU D 97 -12.10 -24.21 -2.71
C GLU D 97 -11.10 -24.60 -1.63
N ASP D 98 -11.56 -25.24 -0.54
CA ASP D 98 -10.70 -25.66 0.59
C ASP D 98 -9.65 -26.71 0.25
N TRP D 99 -9.81 -27.40 -0.91
CA TRP D 99 -8.85 -28.44 -1.30
C TRP D 99 -7.64 -27.86 -2.03
N TRP D 100 -7.79 -26.65 -2.64
CA TRP D 100 -6.74 -26.01 -3.43
C TRP D 100 -5.40 -25.98 -2.73
N PRO D 101 -5.27 -25.57 -1.42
CA PRO D 101 -3.94 -25.57 -0.80
C PRO D 101 -3.27 -26.93 -0.85
N VAL D 102 -3.99 -28.00 -0.46
CA VAL D 102 -3.49 -29.37 -0.48
C VAL D 102 -3.15 -29.83 -1.92
N ILE D 103 -4.05 -29.57 -2.89
CA ILE D 103 -3.82 -29.89 -4.31
C ILE D 103 -2.57 -29.19 -4.82
N ARG D 104 -2.36 -27.90 -4.45
CA ARG D 104 -1.19 -27.14 -4.92
C ARG D 104 0.10 -27.72 -4.39
N GLU D 105 0.08 -28.23 -3.15
CA GLU D 105 1.24 -28.82 -2.48
C GLU D 105 1.50 -30.25 -2.85
N GLN D 106 0.44 -31.03 -3.05
CA GLN D 106 0.50 -32.49 -3.29
C GLN D 106 0.45 -32.96 -4.74
N MET D 107 0.01 -32.10 -5.67
CA MET D 107 -0.10 -32.45 -7.09
C MET D 107 1.17 -33.16 -7.58
N PRO D 108 1.10 -34.36 -8.16
CA PRO D 108 2.34 -35.00 -8.61
C PRO D 108 2.88 -34.30 -9.86
N PRO D 109 4.21 -34.23 -10.05
CA PRO D 109 4.71 -33.54 -11.24
C PRO D 109 4.39 -34.28 -12.53
N PHE D 110 4.46 -33.56 -13.66
CA PHE D 110 4.29 -34.10 -14.98
C PHE D 110 5.32 -35.18 -15.18
N ASP D 111 4.91 -36.31 -15.80
CA ASP D 111 5.82 -37.39 -16.13
C ASP D 111 5.49 -37.69 -17.58
N PRO D 112 6.46 -37.63 -18.52
CA PRO D 112 6.11 -37.87 -19.95
C PRO D 112 5.49 -39.24 -20.19
N ASP D 113 5.90 -40.25 -19.39
CA ASP D 113 5.36 -41.60 -19.52
C ASP D 113 4.02 -41.76 -18.85
N LEU D 114 3.89 -41.32 -17.61
CA LEU D 114 2.65 -41.50 -16.84
C LEU D 114 1.55 -40.50 -17.07
N THR D 115 1.85 -39.21 -17.32
CA THR D 115 0.77 -38.23 -17.40
C THR D 115 -0.14 -38.43 -18.61
N PRO D 116 -1.46 -38.59 -18.39
CA PRO D 116 -2.35 -38.80 -19.55
C PRO D 116 -2.66 -37.50 -20.26
N THR D 117 -3.06 -37.62 -21.52
CA THR D 117 -3.50 -36.42 -22.22
C THR D 117 -4.95 -36.15 -21.81
N ARG D 118 -5.44 -34.94 -22.08
CA ARG D 118 -6.83 -34.56 -21.82
C ARG D 118 -7.23 -33.76 -23.06
N GLY D 119 -8.33 -34.16 -23.69
CA GLY D 119 -8.92 -33.53 -24.88
C GLY D 119 -8.13 -33.67 -26.17
N MET D 120 -7.09 -34.53 -26.17
CA MET D 120 -6.22 -34.74 -27.33
C MET D 120 -6.71 -35.83 -28.30
N GLY D 121 -7.57 -36.71 -27.80
CA GLY D 121 -8.11 -37.80 -28.57
C GLY D 121 -7.35 -39.10 -28.45
N ALA D 122 -8.08 -40.19 -28.78
CA ALA D 122 -7.64 -41.58 -28.81
C ALA D 122 -6.39 -41.79 -29.65
N VAL D 123 -6.27 -41.15 -30.80
CA VAL D 123 -5.08 -41.35 -31.63
C VAL D 123 -3.81 -40.82 -30.93
N ALA D 124 -3.83 -39.57 -30.43
CA ALA D 124 -2.73 -38.95 -29.71
C ALA D 124 -2.41 -39.72 -28.43
N GLU D 125 -3.44 -40.12 -27.67
CA GLU D 125 -3.28 -40.90 -26.44
C GLU D 125 -2.64 -42.28 -26.77
N CYS D 126 -2.99 -42.90 -27.92
CA CYS D 126 -2.36 -44.16 -28.39
C CYS D 126 -0.93 -43.88 -28.92
N PHE D 127 -0.76 -42.82 -29.72
CA PHE D 127 0.52 -42.41 -30.31
C PHE D 127 1.62 -42.10 -29.32
N ARG D 128 1.32 -41.38 -28.21
CA ARG D 128 2.36 -41.00 -27.22
C ARG D 128 3.21 -42.14 -26.64
N ARG D 129 2.69 -43.38 -26.65
CA ARG D 129 3.47 -44.47 -26.09
C ARG D 129 3.95 -45.49 -27.08
N ALA D 130 3.85 -45.18 -28.39
CA ALA D 130 4.34 -46.02 -29.47
C ALA D 130 5.83 -46.31 -29.24
N ALA D 131 6.33 -47.44 -29.76
CA ALA D 131 7.76 -47.79 -29.65
C ALA D 131 8.54 -46.69 -30.42
N GLY D 132 9.48 -46.04 -29.75
CA GLY D 132 10.29 -45.00 -30.38
C GLY D 132 9.76 -43.59 -30.23
N ALA D 133 8.46 -43.45 -29.83
CA ALA D 133 7.86 -42.14 -29.62
C ALA D 133 8.44 -41.48 -28.39
N VAL D 134 8.70 -40.18 -28.49
CA VAL D 134 9.25 -39.35 -27.39
C VAL D 134 8.32 -38.16 -27.10
N ARG D 135 8.38 -37.59 -25.90
CA ARG D 135 7.48 -36.52 -25.51
C ARG D 135 8.27 -35.38 -24.91
N SER D 136 7.81 -34.13 -25.14
CA SER D 136 8.47 -32.93 -24.62
C SER D 136 8.14 -32.72 -23.14
N GLY D 137 8.95 -31.90 -22.46
CA GLY D 137 8.84 -31.63 -21.03
C GLY D 137 7.77 -30.67 -20.54
N HIS D 138 7.10 -29.88 -21.43
CA HIS D 138 6.09 -28.95 -20.93
C HIS D 138 4.95 -29.63 -20.14
N PRO D 139 4.70 -29.21 -18.87
CA PRO D 139 3.68 -29.92 -18.03
C PRO D 139 2.23 -29.77 -18.49
N GLN D 140 1.95 -28.77 -19.32
CA GLN D 140 0.60 -28.50 -19.82
C GLN D 140 0.44 -28.70 -21.32
N ASN D 141 1.44 -28.28 -22.11
CA ASN D 141 1.34 -28.27 -23.55
C ASN D 141 2.38 -29.06 -24.32
N SER D 142 2.73 -30.25 -23.79
CA SER D 142 3.69 -31.15 -24.43
C SER D 142 3.12 -31.69 -25.75
N PHE D 143 4.04 -32.18 -26.59
CA PHE D 143 3.79 -32.83 -27.85
C PHE D 143 4.57 -34.13 -27.80
N ALA D 144 4.13 -35.12 -28.59
CA ALA D 144 4.88 -36.35 -28.77
C ALA D 144 5.33 -36.39 -30.22
N ALA D 145 6.42 -37.06 -30.46
CA ALA D 145 6.91 -37.21 -31.80
C ALA D 145 7.53 -38.61 -31.99
N TRP D 146 7.48 -39.12 -33.21
CA TRP D 146 8.01 -40.41 -33.64
C TRP D 146 8.69 -40.16 -35.00
N GLY D 147 9.81 -40.82 -35.24
CA GLY D 147 10.52 -40.71 -36.50
C GLY D 147 11.92 -40.15 -36.42
N ALA D 148 12.52 -39.89 -37.60
CA ALA D 148 13.91 -39.44 -37.73
C ALA D 148 14.32 -38.19 -36.99
N HIS D 149 13.41 -37.21 -36.85
CA HIS D 149 13.66 -35.92 -36.17
C HIS D 149 12.87 -35.71 -34.86
N ALA D 150 12.35 -36.80 -34.28
CA ALA D 150 11.53 -36.81 -33.05
C ALA D 150 12.24 -36.18 -31.86
N GLU D 151 13.49 -36.58 -31.57
CA GLU D 151 14.27 -36.02 -30.48
C GLU D 151 14.43 -34.49 -30.63
N GLN D 152 14.68 -34.02 -31.86
CA GLN D 152 14.83 -32.60 -32.18
C GLN D 152 13.53 -31.80 -31.96
N VAL D 153 12.39 -32.38 -32.36
CA VAL D 153 11.09 -31.72 -32.19
C VAL D 153 10.76 -31.44 -30.70
N VAL D 154 10.94 -32.46 -29.85
CA VAL D 154 10.58 -32.44 -28.43
C VAL D 154 11.68 -31.95 -27.46
N ALA D 155 12.89 -31.73 -27.97
CA ALA D 155 14.02 -31.23 -27.16
C ALA D 155 13.72 -29.80 -26.64
N GLU D 156 14.17 -29.50 -25.42
CA GLU D 156 14.09 -28.19 -24.75
C GLU D 156 12.79 -27.35 -25.02
N HIS D 157 11.62 -27.88 -24.63
CA HIS D 157 10.33 -27.21 -24.77
C HIS D 157 10.29 -26.17 -23.65
N GLY D 158 10.50 -24.91 -24.05
CA GLY D 158 10.56 -23.78 -23.15
C GLY D 158 9.24 -23.37 -22.54
N LEU D 159 9.34 -22.72 -21.38
CA LEU D 159 8.22 -22.21 -20.60
C LEU D 159 7.78 -20.83 -21.13
N THR D 160 8.73 -20.04 -21.69
CA THR D 160 8.49 -18.66 -22.14
C THR D 160 7.32 -18.55 -23.09
N GLU D 161 7.34 -19.33 -24.17
CA GLU D 161 6.27 -19.38 -25.15
C GLU D 161 5.84 -20.85 -25.26
N ARG D 162 4.87 -21.28 -24.39
CA ARG D 162 4.45 -22.67 -24.35
C ARG D 162 4.08 -23.28 -25.71
N LEU D 163 3.47 -22.46 -26.59
CA LEU D 163 3.01 -22.81 -27.94
C LEU D 163 3.53 -21.83 -29.02
N GLY D 164 4.77 -21.41 -28.88
CA GLY D 164 5.40 -20.47 -29.81
C GLY D 164 6.85 -20.79 -30.04
N ARG D 165 7.72 -19.78 -29.94
CA ARG D 165 9.16 -19.93 -30.13
C ARG D 165 9.68 -20.70 -28.93
N GLY D 166 10.49 -21.70 -29.18
CA GLY D 166 11.02 -22.51 -28.09
C GLY D 166 10.20 -23.76 -27.84
N SER D 167 9.05 -23.90 -28.53
CA SER D 167 8.13 -25.06 -28.44
C SER D 167 8.26 -26.01 -29.65
N PRO D 168 7.72 -27.25 -29.59
CA PRO D 168 7.78 -28.14 -30.77
C PRO D 168 7.05 -27.61 -32.03
N LEU D 169 6.10 -26.64 -31.90
CA LEU D 169 5.44 -26.02 -33.06
C LEU D 169 6.46 -25.28 -33.94
N GLU D 170 7.47 -24.67 -33.29
CA GLU D 170 8.52 -23.93 -33.98
C GLU D 170 9.52 -24.89 -34.61
N GLN D 171 9.66 -26.09 -34.01
CA GLN D 171 10.50 -27.14 -34.62
C GLN D 171 9.85 -27.65 -35.90
N VAL D 172 8.47 -27.74 -35.94
CA VAL D 172 7.73 -28.15 -37.16
C VAL D 172 7.96 -27.07 -38.26
N TYR D 173 8.06 -25.80 -37.86
CA TYR D 173 8.34 -24.67 -38.75
C TYR D 173 9.77 -24.81 -39.31
N ARG D 174 10.74 -25.01 -38.43
CA ARG D 174 12.16 -25.13 -38.75
C ARG D 174 12.46 -26.28 -39.67
N LEU D 175 11.73 -27.37 -39.52
CA LEU D 175 11.90 -28.57 -40.32
C LEU D 175 11.10 -28.55 -41.63
N ASP D 176 10.40 -27.42 -41.91
CA ASP D 176 9.55 -27.25 -43.11
C ASP D 176 8.50 -28.37 -43.20
N GLY D 177 7.92 -28.69 -42.05
CA GLY D 177 6.92 -29.73 -41.94
C GLY D 177 5.57 -29.36 -42.52
N GLN D 178 4.65 -30.33 -42.52
CA GLN D 178 3.28 -30.15 -42.98
C GLN D 178 2.34 -30.37 -41.81
N VAL D 179 1.06 -29.96 -41.96
CA VAL D 179 -0.01 -30.09 -40.96
C VAL D 179 -1.20 -30.87 -41.55
N LEU D 180 -1.71 -31.83 -40.77
CA LEU D 180 -2.84 -32.66 -41.15
C LEU D 180 -4.01 -32.46 -40.20
N LEU D 181 -5.12 -31.94 -40.74
CA LEU D 181 -6.36 -31.80 -39.98
C LEU D 181 -7.17 -33.02 -40.42
N LEU D 182 -7.14 -34.07 -39.57
CA LEU D 182 -7.78 -35.34 -39.91
C LEU D 182 -9.17 -35.50 -39.29
N GLY D 183 -10.20 -35.01 -39.98
CA GLY D 183 -11.56 -35.13 -39.46
C GLY D 183 -11.93 -34.16 -38.36
N CYS D 184 -11.14 -33.10 -38.21
CA CYS D 184 -11.40 -31.96 -37.34
C CYS D 184 -11.00 -30.73 -38.16
N GLY D 185 -11.44 -29.55 -37.73
CA GLY D 185 -11.21 -28.32 -38.47
C GLY D 185 -10.27 -27.34 -37.83
N PHE D 186 -10.38 -26.07 -38.23
CA PHE D 186 -9.56 -24.97 -37.72
C PHE D 186 -9.61 -24.74 -36.23
N GLU D 187 -10.70 -25.17 -35.57
CA GLU D 187 -10.88 -25.10 -34.10
C GLU D 187 -9.79 -25.89 -33.33
N SER D 188 -9.05 -26.79 -34.02
CA SER D 188 -8.01 -27.64 -33.44
C SER D 188 -6.61 -27.39 -33.99
N ASN D 189 -6.45 -26.37 -34.81
CA ASN D 189 -5.20 -26.04 -35.47
C ASN D 189 -4.22 -25.31 -34.53
N THR D 190 -3.39 -26.06 -33.79
CA THR D 190 -2.43 -25.53 -32.82
C THR D 190 -1.46 -24.51 -33.42
N SER D 191 -1.04 -24.72 -34.68
CA SER D 191 -0.08 -23.86 -35.38
C SER D 191 -0.43 -22.37 -35.36
N PHE D 192 -1.73 -22.02 -35.20
CA PHE D 192 -2.17 -20.64 -35.06
C PHE D 192 -1.52 -19.95 -33.86
N HIS D 193 -1.26 -20.70 -32.79
CA HIS D 193 -0.68 -20.13 -31.57
C HIS D 193 0.71 -19.60 -31.79
N LEU D 194 1.50 -20.28 -32.64
CA LEU D 194 2.86 -19.86 -32.99
C LEU D 194 2.80 -18.46 -33.66
N ALA D 195 1.76 -18.26 -34.51
CA ALA D 195 1.51 -16.99 -35.18
C ALA D 195 1.12 -15.93 -34.14
N GLU D 196 0.29 -16.28 -33.10
CA GLU D 196 -0.13 -15.36 -32.02
C GLU D 196 1.05 -14.81 -31.24
N TYR D 197 2.03 -15.69 -30.92
CA TYR D 197 3.24 -15.32 -30.17
C TYR D 197 4.10 -14.36 -30.99
N ARG D 198 4.27 -14.66 -32.26
CA ARG D 198 5.02 -13.84 -33.22
C ARG D 198 4.36 -12.50 -33.57
N THR D 199 3.03 -12.37 -33.38
CA THR D 199 2.33 -11.17 -33.85
C THR D 199 1.69 -10.37 -32.76
N ALA D 200 2.26 -9.18 -32.49
CA ALA D 200 1.71 -8.24 -31.53
C ALA D 200 0.64 -7.47 -32.29
N TYR D 201 -0.46 -8.15 -32.66
CA TYR D 201 -1.59 -7.58 -33.41
C TYR D 201 -2.37 -6.54 -32.58
N PRO D 202 -3.11 -5.60 -33.22
CA PRO D 202 -3.89 -4.63 -32.45
C PRO D 202 -4.80 -5.24 -31.39
N GLY D 203 -4.54 -4.89 -30.14
CA GLY D 203 -5.33 -5.35 -29.01
C GLY D 203 -4.92 -6.64 -28.35
N ARG D 204 -3.84 -7.31 -28.78
CA ARG D 204 -3.39 -8.57 -28.15
C ARG D 204 -3.19 -8.37 -26.65
N ARG D 205 -3.88 -9.18 -25.81
CA ARG D 205 -3.80 -9.10 -24.35
C ARG D 205 -2.82 -10.09 -23.74
N SER D 206 -2.44 -9.82 -22.50
CA SER D 206 -1.53 -10.65 -21.72
C SER D 206 -2.19 -10.96 -20.41
N HIS D 207 -1.65 -11.94 -19.69
CA HIS D 207 -2.14 -12.31 -18.36
C HIS D 207 -1.02 -13.04 -17.64
N ARG D 208 -1.26 -13.36 -16.37
CA ARG D 208 -0.27 -14.09 -15.58
C ARG D 208 -0.83 -15.47 -15.27
N ARG D 209 -0.01 -16.51 -15.50
CA ARG D 209 -0.42 -17.89 -15.34
C ARG D 209 0.49 -18.68 -14.44
N ARG D 210 -0.10 -19.73 -13.80
CA ARG D 210 0.64 -20.66 -12.95
C ARG D 210 0.95 -21.94 -13.71
N VAL D 211 2.22 -22.30 -13.69
CA VAL D 211 2.71 -23.48 -14.36
C VAL D 211 3.39 -24.34 -13.26
N PRO D 212 2.88 -25.58 -13.04
CA PRO D 212 3.54 -26.45 -12.06
C PRO D 212 4.76 -27.11 -12.71
N VAL D 213 5.96 -26.72 -12.29
CA VAL D 213 7.24 -27.21 -12.82
C VAL D 213 7.76 -28.38 -11.94
N PRO D 214 8.20 -29.53 -12.54
CA PRO D 214 8.68 -30.67 -11.72
C PRO D 214 9.89 -30.38 -10.85
N GLU D 215 9.79 -30.74 -9.57
CA GLU D 215 10.87 -30.57 -8.60
C GLU D 215 10.93 -31.87 -7.79
N GLY D 216 11.56 -32.89 -8.39
CA GLY D 216 11.66 -34.22 -7.83
C GLY D 216 10.31 -34.92 -7.84
N ASP D 217 9.73 -35.13 -6.65
CA ASP D 217 8.44 -35.79 -6.46
C ASP D 217 7.34 -34.76 -6.18
N ARG D 218 7.69 -33.49 -6.30
CA ARG D 218 6.76 -32.39 -6.05
C ARG D 218 6.75 -31.38 -7.20
N VAL D 219 5.80 -30.42 -7.17
CA VAL D 219 5.74 -29.33 -8.14
C VAL D 219 6.15 -28.02 -7.46
N ARG D 220 6.83 -27.14 -8.23
CA ARG D 220 7.22 -25.79 -7.83
C ARG D 220 6.36 -24.88 -8.74
N TRP D 221 5.37 -24.17 -8.21
CA TRP D 221 4.50 -23.31 -9.04
C TRP D 221 5.24 -22.08 -9.49
N VAL D 222 5.31 -21.88 -10.82
CA VAL D 222 6.02 -20.75 -11.43
C VAL D 222 5.03 -19.80 -12.09
N GLU D 223 4.99 -18.54 -11.64
CA GLU D 223 4.11 -17.56 -12.22
C GLU D 223 4.75 -16.95 -13.47
N GLN D 224 3.99 -16.87 -14.55
CA GLN D 224 4.58 -16.30 -15.74
C GLN D 224 3.61 -15.49 -16.52
N GLU D 225 4.16 -14.53 -17.26
CA GLU D 225 3.36 -13.71 -18.13
C GLU D 225 3.18 -14.48 -19.42
N ASP D 226 1.99 -14.38 -19.98
CA ASP D 226 1.72 -15.05 -21.21
C ASP D 226 0.72 -14.23 -22.02
N ILE D 227 0.67 -14.47 -23.32
CA ILE D 227 -0.31 -13.83 -24.17
C ILE D 227 -1.61 -14.64 -23.98
N VAL D 228 -2.77 -14.00 -24.03
CA VAL D 228 -4.06 -14.70 -23.97
C VAL D 228 -4.31 -15.10 -25.41
N TYR D 229 -4.80 -16.31 -25.65
CA TYR D 229 -5.07 -16.72 -27.02
C TYR D 229 -6.46 -16.27 -27.40
N PHE D 230 -6.65 -15.90 -28.67
CA PHE D 230 -7.96 -15.54 -29.17
C PHE D 230 -8.30 -16.59 -30.25
N GLU D 231 -9.43 -17.30 -30.06
CA GLU D 231 -9.80 -18.41 -30.94
C GLU D 231 -11.02 -18.18 -31.82
N GLU D 232 -11.75 -17.07 -31.60
CA GLU D 232 -13.02 -16.75 -32.26
C GLU D 232 -12.98 -16.64 -33.77
N ASP D 233 -11.80 -16.31 -34.34
CA ASP D 233 -11.65 -16.14 -35.79
C ASP D 233 -10.92 -17.29 -36.49
N PHE D 234 -10.66 -18.40 -35.77
CA PHE D 234 -9.92 -19.55 -36.34
C PHE D 234 -10.47 -20.07 -37.68
N GLN D 235 -11.80 -20.09 -37.82
CA GLN D 235 -12.54 -20.55 -39.00
C GLN D 235 -12.37 -19.61 -40.21
N THR D 236 -12.51 -18.28 -40.00
CA THR D 236 -12.33 -17.27 -41.05
C THR D 236 -10.86 -17.16 -41.48
N MET D 237 -9.94 -17.06 -40.50
CA MET D 237 -8.48 -16.96 -40.73
C MET D 237 -7.96 -18.25 -41.38
N GLY D 238 -8.47 -19.39 -40.92
CA GLY D 238 -8.14 -20.69 -41.45
C GLY D 238 -8.39 -20.82 -42.93
N GLU D 239 -9.64 -20.56 -43.39
CA GLU D 239 -10.01 -20.62 -44.82
C GLU D 239 -9.23 -19.60 -45.63
N SER D 240 -8.99 -18.38 -45.07
CA SER D 240 -8.20 -17.35 -45.78
C SER D 240 -6.77 -17.82 -45.98
N CYS D 241 -6.07 -18.25 -44.90
CA CYS D 241 -4.68 -18.71 -44.98
C CYS D 241 -4.48 -20.01 -45.76
N LEU D 242 -5.41 -20.97 -45.58
CA LEU D 242 -5.33 -22.26 -46.27
C LEU D 242 -5.32 -22.10 -47.80
N THR D 243 -6.37 -21.44 -48.34
CA THR D 243 -6.56 -21.18 -49.77
C THR D 243 -5.40 -20.43 -50.43
N ARG D 244 -4.62 -19.66 -49.65
CA ARG D 244 -3.45 -18.89 -50.15
C ARG D 244 -2.14 -19.64 -49.84
N THR D 245 -2.22 -20.80 -49.16
CA THR D 245 -1.00 -21.59 -48.90
C THR D 245 -0.66 -22.44 -50.16
N PRO D 246 0.55 -22.27 -50.76
CA PRO D 246 0.88 -23.06 -51.97
C PRO D 246 1.03 -24.55 -51.70
N GLY D 247 0.45 -25.35 -52.58
CA GLY D 247 0.50 -26.81 -52.49
C GLY D 247 -0.47 -27.45 -51.51
N HIS D 248 -1.34 -26.66 -50.82
CA HIS D 248 -2.29 -27.24 -49.85
C HIS D 248 -3.18 -28.26 -50.56
N SER D 249 -3.73 -29.20 -49.80
CA SER D 249 -4.61 -30.22 -50.38
C SER D 249 -5.73 -30.50 -49.44
N ARG D 250 -6.87 -30.76 -50.04
CA ARG D 250 -8.10 -31.10 -49.38
C ARG D 250 -8.52 -32.44 -49.96
N GLY D 251 -9.22 -33.21 -49.13
CA GLY D 251 -9.68 -34.53 -49.54
C GLY D 251 -10.31 -35.34 -48.44
N THR D 252 -10.47 -36.63 -48.70
CA THR D 252 -11.10 -37.59 -47.79
C THR D 252 -10.09 -38.69 -47.43
N VAL D 253 -10.08 -39.08 -46.14
CA VAL D 253 -9.27 -40.17 -45.58
C VAL D 253 -10.32 -40.93 -44.79
N GLY D 254 -10.72 -42.10 -45.31
CA GLY D 254 -11.83 -42.85 -44.75
C GLY D 254 -13.09 -42.03 -45.01
N GLU D 255 -13.92 -41.81 -44.01
CA GLU D 255 -15.11 -40.97 -44.19
C GLU D 255 -14.81 -39.50 -43.79
N ALA D 256 -13.60 -39.25 -43.24
CA ALA D 256 -13.22 -37.94 -42.70
C ALA D 256 -12.79 -36.91 -43.73
N ALA D 257 -13.29 -35.66 -43.57
CA ALA D 257 -12.84 -34.53 -44.39
C ALA D 257 -11.43 -34.20 -43.87
N ALA D 258 -10.44 -34.14 -44.77
CA ALA D 258 -9.05 -33.86 -44.38
C ALA D 258 -8.49 -32.61 -45.04
N VAL D 259 -7.55 -31.95 -44.33
CA VAL D 259 -6.89 -30.75 -44.84
C VAL D 259 -5.41 -31.00 -44.63
N LEU D 260 -4.61 -30.74 -45.66
CA LEU D 260 -3.16 -30.91 -45.60
C LEU D 260 -2.50 -29.63 -46.07
N TYR D 261 -1.58 -29.07 -45.27
CA TYR D 261 -0.97 -27.78 -45.64
C TYR D 261 0.48 -27.62 -45.17
N GLY D 262 1.23 -26.80 -45.91
CA GLY D 262 2.60 -26.47 -45.56
C GLY D 262 2.56 -25.50 -44.39
N GLN D 263 3.18 -25.88 -43.25
CA GLN D 263 3.14 -25.12 -41.99
C GLN D 263 3.84 -23.76 -42.04
N ARG D 264 5.07 -23.68 -42.63
CA ARG D 264 5.81 -22.42 -42.71
C ARG D 264 5.03 -21.33 -43.43
N ALA D 265 4.48 -21.64 -44.61
CA ALA D 265 3.74 -20.72 -45.47
C ALA D 265 2.45 -20.34 -44.80
N PHE D 266 1.75 -21.33 -44.22
CA PHE D 266 0.48 -21.06 -43.50
C PHE D 266 0.75 -20.21 -42.24
N VAL D 267 1.78 -20.55 -41.41
CA VAL D 267 2.05 -19.71 -40.20
C VAL D 267 2.38 -18.27 -40.59
N ASP D 268 3.28 -18.08 -41.58
CA ASP D 268 3.62 -16.74 -42.10
C ASP D 268 2.36 -16.02 -42.58
N LEU D 269 1.46 -16.73 -43.28
CA LEU D 269 0.22 -16.11 -43.75
C LEU D 269 -0.68 -15.75 -42.57
N ALA D 270 -0.69 -16.58 -41.48
CA ALA D 270 -1.54 -16.31 -40.31
C ALA D 270 -1.09 -15.05 -39.56
N CYS D 271 0.21 -14.80 -39.50
CA CYS D 271 0.80 -13.61 -38.86
C CYS D 271 0.29 -12.34 -39.57
N GLU D 272 0.27 -12.41 -40.92
CA GLU D 272 -0.20 -11.33 -41.78
C GLU D 272 -1.68 -11.13 -41.60
N TRP D 273 -2.43 -12.22 -41.49
CA TRP D 273 -3.90 -12.11 -41.34
C TRP D 273 -4.29 -11.40 -40.04
N MET D 274 -3.63 -11.77 -38.94
CA MET D 274 -3.86 -11.18 -37.63
C MET D 274 -3.52 -9.69 -37.65
N THR D 275 -2.36 -9.34 -38.21
CA THR D 275 -1.96 -7.91 -38.32
C THR D 275 -3.00 -7.12 -39.09
N ALA D 276 -3.57 -7.69 -40.18
CA ALA D 276 -4.55 -7.05 -41.08
C ALA D 276 -6.00 -7.06 -40.63
N HIS D 277 -6.41 -8.07 -39.84
CA HIS D 277 -7.81 -8.27 -39.43
C HIS D 277 -8.10 -8.26 -37.97
N ARG D 278 -7.14 -8.64 -37.11
CA ARG D 278 -7.40 -8.62 -35.66
C ARG D 278 -7.34 -7.23 -35.04
N ASP D 279 -8.35 -6.92 -34.23
CA ASP D 279 -8.45 -5.66 -33.50
C ASP D 279 -9.28 -5.87 -32.26
N LEU D 280 -8.61 -6.37 -31.22
CA LEU D 280 -9.22 -6.65 -29.94
C LEU D 280 -9.36 -5.40 -29.05
N ALA D 281 -9.08 -4.19 -29.60
CA ALA D 281 -9.20 -2.91 -28.87
C ALA D 281 -10.21 -1.98 -29.60
N ARG D 282 -10.93 -2.51 -30.62
CA ARG D 282 -11.87 -1.75 -31.47
C ARG D 282 -13.05 -1.18 -30.69
N1A ACO E . -8.60 17.75 10.30
C2A ACO E . -9.67 17.06 9.78
N3A ACO E . -10.23 17.51 8.62
C4A ACO E . -9.69 18.61 8.00
C5A ACO E . -8.55 19.32 8.56
C6A ACO E . -8.05 18.82 9.80
N6A ACO E . -7.03 19.38 10.45
N7A ACO E . -8.25 20.36 7.68
C8A ACO E . -9.17 20.21 6.67
N9A ACO E . -10.01 19.22 6.89
C1B ACO E . -11.13 18.68 6.12
C2B ACO E . -11.87 19.69 5.26
O2B ACO E . -13.25 19.22 5.49
C3B ACO E . -11.45 19.31 3.86
O3B ACO E . -12.47 19.67 2.91
P3B ACO E . -12.28 21.10 2.03
O7A ACO E . -10.76 21.03 1.64
O8A ACO E . -13.33 21.00 0.90
O9A ACO E . -12.63 22.24 3.05
C4B ACO E . -11.10 17.78 3.91
O4B ACO E . -10.70 17.62 5.28
C5B ACO E . -9.88 17.47 2.99
O5B ACO E . -9.71 16.07 3.13
P1A ACO E . -9.48 15.06 1.87
O1A ACO E . -8.84 13.83 2.38
O2A ACO E . -9.00 15.80 0.63
O3A ACO E . -10.96 14.64 1.43
P2A ACO E . -11.96 13.69 2.04
O4A ACO E . -11.75 13.42 3.45
O5A ACO E . -13.38 13.97 1.45
O6A ACO E . -11.71 12.27 1.30
CBP ACO E . -11.09 11.15 -0.91
CCP ACO E . -12.16 11.91 -0.09
CDP ACO E . -9.82 11.98 -0.87
CEP ACO E . -11.42 10.96 -2.45
CAP ACO E . -10.92 9.78 -0.15
OAP ACO E . -12.11 9.15 0.35
C9P ACO E . -10.09 8.72 -0.86
O9P ACO E . -10.70 7.92 -1.56
N8P ACO E . -8.72 8.72 -0.72
C7P ACO E . -7.91 7.68 -1.40
C6P ACO E . -7.76 8.30 -2.80
C5P ACO E . -7.01 7.21 -3.62
O5P ACO E . -5.90 6.70 -3.22
N4P ACO E . -7.62 6.88 -4.73
C3P ACO E . -7.18 5.91 -5.71
C2P ACO E . -8.13 6.07 -6.99
S1P ACO E . -7.95 4.56 -7.89
C ACO E . -9.48 3.59 -8.19
O ACO E . -9.81 2.90 -7.29
CH3 ACO E . -10.37 3.49 -9.54
N1A ACO F . -8.63 27.59 -14.26
C2A ACO F . -9.24 28.63 -13.58
N3A ACO F . -9.72 28.40 -12.34
C4A ACO F . -9.54 27.16 -11.72
C5A ACO F . -8.87 26.08 -12.42
C6A ACO F . -8.41 26.35 -13.76
N6A ACO F . -7.79 25.47 -14.52
N7A ACO F . -8.85 25.04 -11.55
C8A ACO F . -9.48 25.46 -10.40
N9A ACO F . -9.89 26.72 -10.52
C1B ACO F . -10.61 27.61 -9.60
C2B ACO F . -11.47 26.89 -8.51
O2B ACO F . -12.61 27.84 -8.32
C3B ACO F . -10.56 27.05 -7.30
O3B ACO F . -11.22 27.00 -6.03
P3B ACO F . -11.62 25.50 -5.33
O7A ACO F . -10.20 25.04 -4.81
O8A ACO F . -12.71 25.83 -4.29
O9A ACO F . -12.24 24.63 -6.49
C4B ACO F . -9.87 28.40 -7.48
O4B ACO F . -9.64 28.36 -8.88
C5B ACO F . -8.57 28.23 -6.74
O5B ACO F . -7.88 29.45 -7.00
P1A ACO F . -7.17 30.28 -5.79
O1A ACO F . -6.30 31.21 -6.46
O2A ACO F . -6.69 29.32 -4.72
O3A ACO F . -8.37 31.09 -5.18
P2A ACO F . -9.03 32.40 -5.62
O4A ACO F . -8.91 32.52 -7.04
O5A ACO F . -10.42 32.55 -4.95
O6A ACO F . -8.14 33.56 -4.89
CBP ACO F . -6.96 34.41 -2.85
CCP ACO F . -8.29 33.91 -3.45
CDP ACO F . -5.95 33.22 -3.01
CEP ACO F . -7.05 34.75 -1.29
CAP ACO F . -6.48 35.57 -3.78
OAP ACO F . -7.46 36.62 -4.03
C9P ACO F . -5.24 36.26 -3.26
O9P ACO F . -5.40 37.35 -2.65
N8P ACO F . -4.04 35.65 -3.48
C7P ACO F . -2.77 36.21 -3.03
C6P ACO F . -2.64 35.61 -1.60
C5P ACO F . -1.58 36.49 -0.88
O5P ACO F . -0.47 36.68 -1.47
N4P ACO F . -1.94 37.05 0.30
C3P ACO F . -1.04 37.92 1.05
C2P ACO F . -1.53 37.91 2.52
S1P ACO F . -0.51 39.05 3.36
C ACO F . -1.46 40.55 3.86
O ACO F . -1.65 41.40 3.02
CH3 ACO F . -2.04 40.83 5.34
N1A ACO G . -11.15 -28.55 29.81
C2A ACO G . -11.59 -27.31 29.49
N3A ACO G . -12.24 -26.56 30.40
C4A ACO G . -12.44 -27.10 31.68
C5A ACO G . -11.97 -28.40 32.04
C6A ACO G . -11.31 -29.14 31.00
N6A ACO G . -10.86 -30.41 31.18
N7A ACO G . -12.33 -28.62 33.35
C8A ACO G . -12.98 -27.47 33.80
N9A ACO G . -13.04 -26.57 32.75
C1B ACO G . -13.62 -25.20 32.66
C2B ACO G . -14.65 -24.89 33.71
O2B ACO G . -15.46 -23.92 33.02
C3B ACO G . -13.91 -24.11 34.74
O3B ACO G . -14.80 -23.24 35.41
P3B ACO G . -15.59 -23.75 36.79
O7A ACO G . -16.68 -24.67 36.15
O8A ACO G . -14.49 -24.41 37.64
O9A ACO G . -16.15 -22.44 37.43
C4B ACO G . -12.87 -23.32 33.94
O4B ACO G . -12.59 -24.27 32.89
C5B ACO G . -11.65 -23.07 34.81
O5B ACO G . -10.70 -22.39 33.98
P1A ACO G . -9.97 -21.02 34.52
O1A ACO G . -8.73 -20.72 33.74
O2A ACO G . -9.94 -20.98 35.99
O3A ACO G . -11.11 -19.97 34.12
P2A ACO G . -11.51 -19.36 32.74
O4A ACO G . -11.15 -20.14 31.57
O5A ACO G . -12.95 -18.79 32.85
O6A ACO G . -10.50 -18.08 32.66
CBP ACO G . -9.12 -16.30 33.87
CCP ACO G . -10.51 -16.87 33.51
CDP ACO G . -8.37 -17.29 34.74
CEP ACO G . -9.41 -15.02 34.74
CAP ACO G . -8.21 -16.08 32.61
OAP ACO G . -8.92 -15.54 31.46
C9P ACO G . -6.93 -15.30 32.92
O9P ACO G . -6.91 -14.09 32.76
N8P ACO G . -5.87 -15.98 33.41
C7P ACO G . -4.63 -15.31 33.76
C6P ACO G . -4.89 -14.59 35.08
C5P ACO G . -3.62 -13.78 35.32
O5P ACO G . -2.47 -14.26 34.98
N4P ACO G . -3.87 -12.61 35.86
C3P ACO G . -2.92 -11.57 36.19
C2P ACO G . -3.72 -10.44 36.94
S1P ACO G . -2.87 -8.87 36.76
C ACO G . -4.04 -7.50 36.41
O ACO G . -3.89 -6.34 36.87
CH3 ACO G . -5.39 -7.70 35.71
N1A ACO H . -13.43 -46.75 -35.23
C2A ACO H . -14.08 -45.52 -35.30
N3A ACO H . -14.51 -44.93 -34.16
C4A ACO H . -14.22 -45.51 -32.95
C5A ACO H . -13.52 -46.76 -32.87
C6A ACO H . -13.14 -47.37 -34.09
N6A ACO H . -12.48 -48.57 -34.20
N7A ACO H . -13.40 -47.05 -31.52
C8A ACO H . -13.98 -46.01 -30.84
N9A ACO H . -14.49 -45.12 -31.70
C1B ACO H . -15.24 -43.86 -31.43
C2B ACO H . -16.02 -43.80 -30.11
O2B ACO H . -17.05 -42.80 -30.37
C3B ACO H . -15.00 -43.11 -29.20
O3B ACO H . -15.67 -42.38 -28.16
P3B ACO H . -15.65 -42.89 -26.59
O7A ACO H . -14.14 -43.26 -26.40
O8A ACO H . -16.14 -41.66 -25.79
O9A ACO H . -16.72 -44.00 -26.56
C4B ACO H . -14.30 -42.09 -30.12
O4B ACO H . -14.26 -42.84 -31.30
C5B ACO H . -12.85 -41.74 -29.72
O5B ACO H . -12.23 -40.93 -30.75
P1A ACO H . -11.48 -39.52 -30.37
O1A ACO H . -10.76 -39.12 -31.65
O2A ACO H . -10.82 -39.63 -29.00
O3A ACO H . -12.73 -38.57 -30.25
P2A ACO H . -13.45 -37.83 -31.42
O4A ACO H . -13.52 -38.62 -32.63
O5A ACO H . -14.76 -37.25 -30.78
O6A ACO H . -12.66 -36.48 -31.81
CBP ACO H . -11.18 -34.71 -30.83
CCP ACO H . -12.56 -35.36 -30.82
CDP ACO H . -10.19 -35.81 -30.48
CEP ACO H . -11.12 -33.65 -29.71
CAP ACO H . -10.88 -34.17 -32.30
OAP ACO H . -11.97 -33.52 -33.05
C9P ACO H . -9.65 -33.29 -32.32
O9P ACO H . -9.90 -32.09 -32.30
N8P ACO H . -8.40 -33.86 -32.32
C7P ACO H . -7.19 -33.03 -32.32
C6P ACO H . -6.95 -32.67 -30.84
C5P ACO H . -5.87 -31.55 -30.87
O5P ACO H . -4.81 -31.74 -31.54
N4P ACO H . -6.13 -30.42 -30.19
C3P ACO H . -5.21 -29.28 -30.14
C2P ACO H . -5.61 -28.17 -29.11
S1P ACO H . -4.92 -26.65 -29.80
C ACO H . -6.07 -25.30 -29.98
O ACO H . -6.54 -25.22 -31.07
CH3 ACO H . -6.49 -24.22 -28.86
#